data_8Z0F
#
_entry.id   8Z0F
#
_cell.length_a   1.00
_cell.length_b   1.00
_cell.length_c   1.00
_cell.angle_alpha   90.00
_cell.angle_beta   90.00
_cell.angle_gamma   90.00
#
_symmetry.space_group_name_H-M   'P 1'
#
loop_
_entity.id
_entity.type
_entity.pdbx_description
1 polymer 'ATP-binding cassette sub-family D member 3'
2 non-polymer "ADENOSINE-5'-TRIPHOSPHATE"
#
_entity_poly.entity_id   1
_entity_poly.type   'polypeptide(L)'
_entity_poly.pdbx_seq_one_letter_code
;MDYKDDDDKAVFSKLQLLGQAIPPKQYAPGVVGMLAVFALIKLYKQDIRGTKHLVAKTKEGKKERAVVDKVFFSRLIQIL
KIMVPRTFCKETGYLVLIAVMLVSRTYCDVWMIQNGTLIESGIIGRSRKDFKRYLLNFIAAMPLISLVNNFLKYGLNELK
LCFRVRLTKYLYEEYLQAFTYYKMGNLDNRIANPDQLLTQDVEKFCNSVVDLYSNLSKPFLDIVLYIFKLTSAIGAQGPA
SMMAYLVVSGLFLTRLRRPIGKMTITEQKYEGEYRYVNSRLITNSEEIAFYNGNKREKQTVHSVFRKLVEHLHNFILFRF
SMGFIDSIIAKYLATVVGYLVVSRPFLDLSHPRHLKSTHSELLEDYYQSGRMLLRMSQALGRIVLAGREMTRLAGFTARI
TELMQVLKDLNHGKYERTMVSQQEKGIEGVQVIPLIPGAGEIIIADNIIKFDHVPLATPNGDVLIRDLNFEVRSGANVLI
CGPNGCGKSSLFRVLGELWPLFGGRLTKPERGKLFYVPQRPYMTLGTLRDQVIYPDGREDQKRKGISDLVLKEYLDNVQL
GHILEREGGWDSVQDWMDVLSGGEKQRMAMARLFYHKPQFAILDQCTSAVSVDVEGYIYSHCRKVGITLFTVSHRKSLWK
HHEYYLHMDGRGNYEFKQITEDTVEFGS
;
_entity_poly.pdbx_strand_id   A,B
#
# COMPACT_ATOMS: atom_id res chain seq x y z
N ARG A 65 -3.09 -21.62 -7.05
CA ARG A 65 -2.54 -22.28 -8.23
C ARG A 65 -1.69 -21.30 -9.03
N ALA A 66 -0.38 -21.57 -9.10
CA ALA A 66 0.56 -20.75 -9.84
C ALA A 66 1.53 -21.63 -10.62
N VAL A 67 1.01 -22.75 -11.15
CA VAL A 67 1.86 -23.69 -11.89
C VAL A 67 2.21 -23.09 -13.24
N VAL A 68 3.49 -23.17 -13.59
CA VAL A 68 3.97 -22.69 -14.89
C VAL A 68 3.66 -23.76 -15.94
N ASP A 69 2.67 -23.50 -16.78
CA ASP A 69 2.28 -24.45 -17.81
C ASP A 69 1.54 -23.69 -18.91
N LYS A 70 0.84 -24.43 -19.77
CA LYS A 70 0.13 -23.82 -20.90
C LYS A 70 -0.80 -22.70 -20.44
N VAL A 71 -1.59 -22.98 -19.39
CA VAL A 71 -2.58 -22.00 -18.96
C VAL A 71 -1.92 -20.71 -18.51
N PHE A 72 -0.76 -20.83 -17.83
CA PHE A 72 -0.04 -19.63 -17.40
C PHE A 72 0.41 -18.81 -18.60
N PHE A 73 0.93 -19.46 -19.64
CA PHE A 73 1.36 -18.74 -20.81
C PHE A 73 0.18 -18.07 -21.52
N SER A 74 -0.95 -18.77 -21.59
CA SER A 74 -2.14 -18.17 -22.17
C SER A 74 -2.57 -16.93 -21.40
N ARG A 75 -2.55 -17.02 -20.06
CA ARG A 75 -2.96 -15.88 -19.24
C ARG A 75 -1.95 -14.74 -19.31
N LEU A 76 -0.68 -15.05 -19.56
CA LEU A 76 0.31 -13.99 -19.72
C LEU A 76 0.17 -13.30 -21.06
N ILE A 77 -0.15 -14.06 -22.11
CA ILE A 77 -0.36 -13.44 -23.42
C ILE A 77 -1.57 -12.53 -23.40
N GLN A 78 -2.67 -12.98 -22.79
CA GLN A 78 -3.91 -12.23 -22.87
C GLN A 78 -3.80 -10.86 -22.20
N ILE A 79 -2.85 -10.70 -21.28
CA ILE A 79 -2.61 -9.39 -20.66
C ILE A 79 -1.34 -8.74 -21.18
N LEU A 80 -0.58 -9.44 -22.02
CA LEU A 80 0.50 -8.79 -22.76
C LEU A 80 -0.03 -7.96 -23.91
N LYS A 81 -1.11 -8.42 -24.55
CA LYS A 81 -1.67 -7.69 -25.69
C LYS A 81 -2.17 -6.32 -25.28
N ILE A 82 -2.63 -6.15 -24.04
CA ILE A 82 -3.21 -4.88 -23.62
C ILE A 82 -2.16 -3.83 -23.32
N MET A 83 -0.88 -4.20 -23.31
CA MET A 83 0.21 -3.23 -23.18
C MET A 83 1.10 -3.21 -24.41
N VAL A 84 0.71 -3.89 -25.49
CA VAL A 84 1.33 -3.72 -26.79
C VAL A 84 0.20 -3.65 -27.80
N PRO A 85 -0.55 -2.54 -27.82
CA PRO A 85 -1.76 -2.48 -28.66
C PRO A 85 -1.48 -2.59 -30.15
N ARG A 86 -0.58 -1.77 -30.67
CA ARG A 86 -0.36 -1.67 -32.10
C ARG A 86 1.11 -1.90 -32.44
N THR A 87 1.48 -1.64 -33.69
CA THR A 87 2.86 -1.79 -34.14
C THR A 87 3.59 -0.45 -34.03
N PHE A 88 4.75 -0.47 -33.38
CA PHE A 88 5.55 0.74 -33.15
C PHE A 88 4.73 1.80 -32.40
N CYS A 89 4.32 1.44 -31.19
CA CYS A 89 3.63 2.35 -30.30
C CYS A 89 4.66 3.25 -29.61
N LYS A 90 4.22 4.00 -28.60
CA LYS A 90 5.16 4.80 -27.82
C LYS A 90 6.14 3.94 -27.04
N GLU A 91 5.84 2.65 -26.86
CA GLU A 91 6.71 1.76 -26.12
C GLU A 91 7.11 0.51 -26.90
N THR A 92 6.46 0.21 -28.02
CA THR A 92 6.87 -0.94 -28.83
C THR A 92 8.26 -0.75 -29.40
N GLY A 93 8.76 0.48 -29.44
CA GLY A 93 10.14 0.72 -29.83
C GLY A 93 11.15 0.28 -28.80
N TYR A 94 10.73 0.14 -27.54
CA TYR A 94 11.62 -0.31 -26.49
C TYR A 94 11.92 -1.80 -26.59
N LEU A 95 11.02 -2.59 -27.18
CA LEU A 95 11.34 -3.96 -27.53
C LEU A 95 12.33 -4.04 -28.68
N VAL A 96 12.52 -2.95 -29.41
CA VAL A 96 13.56 -2.86 -30.44
C VAL A 96 14.84 -2.28 -29.86
N LEU A 97 14.73 -1.20 -29.08
CA LEU A 97 15.92 -0.57 -28.53
C LEU A 97 16.68 -1.52 -27.62
N ILE A 98 15.98 -2.22 -26.73
CA ILE A 98 16.63 -3.12 -25.79
C ILE A 98 16.86 -4.47 -26.46
N ALA A 99 16.54 -4.55 -27.75
CA ALA A 99 16.86 -5.73 -28.55
C ALA A 99 18.05 -5.50 -29.48
N VAL A 100 18.53 -4.28 -29.61
CA VAL A 100 19.69 -3.98 -30.44
C VAL A 100 20.79 -3.39 -29.56
N MET A 101 20.39 -2.69 -28.49
CA MET A 101 21.34 -2.27 -27.47
C MET A 101 21.72 -3.41 -26.53
N LEU A 102 21.03 -4.53 -26.60
CA LEU A 102 21.36 -5.71 -25.81
C LEU A 102 22.23 -6.70 -26.59
N VAL A 103 21.99 -6.85 -27.89
CA VAL A 103 22.89 -7.64 -28.72
C VAL A 103 24.16 -6.88 -29.06
N SER A 104 24.12 -5.56 -29.02
CA SER A 104 25.34 -4.75 -29.15
C SER A 104 26.12 -4.67 -27.84
N ARG A 105 25.57 -5.21 -26.75
CA ARG A 105 26.27 -5.27 -25.48
C ARG A 105 26.96 -6.60 -25.25
N THR A 106 26.46 -7.68 -25.84
CA THR A 106 27.22 -8.92 -25.84
C THR A 106 28.45 -8.82 -26.74
N TYR A 107 28.57 -7.77 -27.54
CA TYR A 107 29.81 -7.45 -28.22
C TYR A 107 30.79 -6.73 -27.32
N CYS A 108 30.36 -6.33 -26.12
CA CYS A 108 31.29 -5.74 -25.16
C CYS A 108 32.16 -6.81 -24.51
N ASP A 109 31.52 -7.79 -23.87
CA ASP A 109 32.30 -8.83 -23.21
C ASP A 109 33.23 -9.52 -24.20
N VAL A 110 32.69 -10.00 -25.32
CA VAL A 110 33.52 -10.69 -26.31
C VAL A 110 34.68 -9.81 -26.73
N TRP A 111 34.42 -8.51 -26.91
CA TRP A 111 35.51 -7.58 -27.16
C TRP A 111 36.34 -7.35 -25.91
N MET A 112 35.71 -7.43 -24.73
CA MET A 112 36.46 -7.23 -23.49
C MET A 112 37.43 -8.39 -23.25
N ILE A 113 36.97 -9.63 -23.41
CA ILE A 113 37.85 -10.76 -23.15
C ILE A 113 38.95 -10.84 -24.20
N GLN A 114 38.63 -10.54 -25.47
CA GLN A 114 39.66 -10.55 -26.49
C GLN A 114 40.72 -9.50 -26.18
N ASN A 115 40.30 -8.25 -25.99
CA ASN A 115 41.26 -7.23 -25.60
C ASN A 115 41.89 -7.58 -24.27
N GLY A 116 41.11 -8.06 -23.31
CA GLY A 116 41.65 -8.39 -22.00
C GLY A 116 42.82 -9.37 -22.10
N THR A 117 42.67 -10.40 -22.94
CA THR A 117 43.79 -11.27 -23.23
C THR A 117 44.87 -10.56 -24.03
N LEU A 118 44.53 -9.46 -24.72
CA LEU A 118 45.50 -8.79 -25.56
C LEU A 118 46.52 -7.99 -24.76
N ILE A 119 46.11 -7.28 -23.71
CA ILE A 119 47.03 -6.32 -23.09
C ILE A 119 48.22 -7.05 -22.47
N GLU A 120 47.96 -7.85 -21.43
CA GLU A 120 49.07 -8.42 -20.67
C GLU A 120 49.96 -9.25 -21.56
N SER A 121 49.42 -9.79 -22.66
CA SER A 121 50.27 -10.40 -23.67
C SER A 121 51.27 -9.40 -24.22
N GLY A 122 50.89 -8.13 -24.28
CA GLY A 122 51.80 -7.07 -24.68
C GLY A 122 52.72 -6.59 -23.59
N ILE A 123 52.48 -6.96 -22.35
CA ILE A 123 53.37 -6.62 -21.24
C ILE A 123 54.19 -7.80 -20.75
N ILE A 124 53.95 -9.01 -21.29
CA ILE A 124 54.84 -10.13 -21.01
C ILE A 124 56.26 -9.77 -21.42
N GLY A 125 56.40 -9.11 -22.57
CA GLY A 125 57.65 -8.51 -22.97
C GLY A 125 57.86 -7.19 -22.24
N ARG A 126 58.73 -6.36 -22.80
CA ARG A 126 59.04 -5.06 -22.24
C ARG A 126 58.67 -3.94 -23.20
N SER A 127 57.70 -4.19 -24.09
CA SER A 127 57.31 -3.23 -25.11
C SER A 127 56.33 -2.24 -24.50
N ARG A 128 56.87 -1.14 -23.97
CA ARG A 128 56.02 -0.09 -23.43
C ARG A 128 55.14 0.52 -24.52
N LYS A 129 55.71 0.75 -25.70
CA LYS A 129 54.95 1.39 -26.77
C LYS A 129 53.77 0.53 -27.21
N ASP A 130 53.98 -0.79 -27.35
CA ASP A 130 52.90 -1.66 -27.77
C ASP A 130 51.76 -1.65 -26.77
N PHE A 131 52.07 -1.79 -25.48
CA PHE A 131 51.04 -1.78 -24.46
C PHE A 131 50.31 -0.44 -24.42
N LYS A 132 51.07 0.66 -24.51
CA LYS A 132 50.45 1.99 -24.47
C LYS A 132 49.49 2.17 -25.64
N ARG A 133 49.96 1.93 -26.86
CA ARG A 133 49.12 2.15 -28.04
C ARG A 133 47.98 1.14 -28.12
N TYR A 134 48.14 -0.03 -27.52
CA TYR A 134 47.09 -1.05 -27.51
C TYR A 134 46.26 -1.00 -26.24
N LEU A 135 46.49 -0.01 -25.38
CA LEU A 135 45.61 0.29 -24.26
C LEU A 135 44.75 1.51 -24.52
N LEU A 136 45.25 2.49 -25.28
CA LEU A 136 44.46 3.68 -25.56
C LEU A 136 43.15 3.32 -26.27
N ASN A 137 43.14 2.22 -27.02
CA ASN A 137 41.91 1.79 -27.66
C ASN A 137 40.84 1.47 -26.63
N PHE A 138 41.23 0.88 -25.50
CA PHE A 138 40.28 0.61 -24.44
C PHE A 138 39.72 1.90 -23.86
N ILE A 139 40.57 2.91 -23.67
CA ILE A 139 40.09 4.21 -23.19
C ILE A 139 39.11 4.81 -24.18
N ALA A 140 39.41 4.70 -25.48
CA ALA A 140 38.52 5.23 -26.50
C ALA A 140 37.18 4.51 -26.50
N ALA A 141 37.19 3.19 -26.30
CA ALA A 141 35.97 2.40 -26.33
C ALA A 141 35.19 2.47 -25.02
N MET A 142 35.80 2.94 -23.94
CA MET A 142 35.07 3.02 -22.67
C MET A 142 33.80 3.85 -22.78
N PRO A 143 33.82 5.07 -23.32
CA PRO A 143 32.56 5.82 -23.44
C PRO A 143 31.46 5.06 -24.17
N LEU A 144 31.74 4.53 -25.36
CA LEU A 144 30.72 3.80 -26.11
C LEU A 144 30.29 2.55 -25.35
N ILE A 145 31.25 1.82 -24.78
CA ILE A 145 30.94 0.52 -24.17
C ILE A 145 30.24 0.68 -22.82
N SER A 146 30.25 1.86 -22.23
CA SER A 146 29.43 2.14 -21.07
C SER A 146 28.10 2.77 -21.45
N LEU A 147 28.08 3.58 -22.50
CA LEU A 147 26.83 4.13 -22.99
C LEU A 147 25.90 3.03 -23.44
N VAL A 148 26.44 1.98 -24.08
CA VAL A 148 25.58 0.87 -24.50
C VAL A 148 24.95 0.19 -23.30
N ASN A 149 25.75 -0.07 -22.25
CA ASN A 149 25.23 -0.72 -21.06
C ASN A 149 24.15 0.12 -20.40
N ASN A 150 24.42 1.42 -20.23
CA ASN A 150 23.43 2.27 -19.57
C ASN A 150 22.21 2.51 -20.44
N PHE A 151 22.35 2.45 -21.77
CA PHE A 151 21.19 2.54 -22.64
C PHE A 151 20.32 1.30 -22.51
N LEU A 152 20.95 0.13 -22.38
CA LEU A 152 20.18 -1.07 -22.07
C LEU A 152 19.46 -0.91 -20.73
N LYS A 153 20.15 -0.35 -19.74
CA LYS A 153 19.53 -0.16 -18.43
C LYS A 153 18.32 0.76 -18.53
N TYR A 154 18.46 1.88 -19.23
CA TYR A 154 17.38 2.85 -19.35
C TYR A 154 16.21 2.27 -20.14
N GLY A 155 16.50 1.69 -21.31
CA GLY A 155 15.46 1.09 -22.11
C GLY A 155 14.79 -0.08 -21.44
N LEU A 156 15.41 -0.64 -20.40
CA LEU A 156 14.82 -1.76 -19.68
C LEU A 156 13.70 -1.29 -18.76
N ASN A 157 14.02 -0.43 -17.80
CA ASN A 157 13.03 0.02 -16.84
C ASN A 157 12.07 1.05 -17.42
N GLU A 158 12.45 1.78 -18.46
CA GLU A 158 11.46 2.60 -19.15
C GLU A 158 10.37 1.72 -19.75
N LEU A 159 10.75 0.55 -20.24
CA LEU A 159 9.77 -0.39 -20.76
C LEU A 159 8.82 -0.86 -19.66
N LYS A 160 9.36 -1.14 -18.46
CA LYS A 160 8.50 -1.59 -17.37
C LYS A 160 7.57 -0.47 -16.92
N LEU A 161 8.05 0.76 -16.89
CA LEU A 161 7.18 1.88 -16.55
C LEU A 161 6.06 2.05 -17.57
N CYS A 162 6.38 1.93 -18.86
CA CYS A 162 5.35 2.04 -19.88
C CYS A 162 4.34 0.90 -19.77
N PHE A 163 4.82 -0.32 -19.54
CA PHE A 163 3.93 -1.45 -19.31
C PHE A 163 2.97 -1.15 -18.17
N ARG A 164 3.52 -0.64 -17.06
CA ARG A 164 2.68 -0.32 -15.91
C ARG A 164 1.64 0.72 -16.26
N VAL A 165 2.05 1.77 -17.00
CA VAL A 165 1.10 2.83 -17.34
C VAL A 165 -0.05 2.26 -18.16
N ARG A 166 0.26 1.48 -19.19
CA ARG A 166 -0.79 0.95 -20.04
C ARG A 166 -1.70 0.00 -19.26
N LEU A 167 -1.12 -0.87 -18.44
CA LEU A 167 -1.93 -1.81 -17.68
C LEU A 167 -2.84 -1.09 -16.70
N THR A 168 -2.31 -0.09 -16.01
CA THR A 168 -3.11 0.68 -15.06
C THR A 168 -4.24 1.40 -15.78
N LYS A 169 -3.95 2.01 -16.92
CA LYS A 169 -4.99 2.72 -17.66
C LYS A 169 -6.11 1.77 -18.06
N TYR A 170 -5.74 0.60 -18.60
CA TYR A 170 -6.77 -0.37 -19.00
C TYR A 170 -7.60 -0.79 -17.79
N LEU A 171 -6.93 -1.17 -16.70
CA LEU A 171 -7.66 -1.67 -15.53
C LEU A 171 -8.61 -0.61 -15.00
N TYR A 172 -8.16 0.64 -14.93
CA TYR A 172 -9.02 1.70 -14.39
C TYR A 172 -10.20 1.97 -15.32
N GLU A 173 -9.93 2.14 -16.61
CA GLU A 173 -11.05 2.38 -17.53
C GLU A 173 -12.05 1.23 -17.50
N GLU A 174 -11.59 0.03 -17.13
CA GLU A 174 -12.49 -1.12 -16.99
C GLU A 174 -13.06 -1.25 -15.58
N TYR A 175 -12.59 -0.45 -14.61
CA TYR A 175 -12.92 -0.62 -13.21
C TYR A 175 -13.75 0.52 -12.63
N LEU A 176 -13.79 1.67 -13.29
CA LEU A 176 -14.63 2.78 -12.88
C LEU A 176 -15.69 3.13 -13.93
N GLN A 177 -15.94 2.24 -14.88
CA GLN A 177 -16.84 2.57 -15.99
C GLN A 177 -18.30 2.56 -15.57
N ALA A 178 -18.65 1.86 -14.51
CA ALA A 178 -20.03 1.76 -14.05
C ALA A 178 -20.01 1.60 -12.54
N PHE A 179 -21.12 1.14 -11.97
CA PHE A 179 -21.17 0.81 -10.55
C PHE A 179 -20.52 -0.55 -10.31
N THR A 180 -19.27 -0.66 -10.74
CA THR A 180 -18.46 -1.86 -10.56
C THR A 180 -17.43 -1.72 -9.47
N TYR A 181 -16.96 -0.50 -9.21
CA TYR A 181 -16.17 -0.26 -8.00
C TYR A 181 -16.98 -0.47 -6.74
N TYR A 182 -18.31 -0.49 -6.84
CA TYR A 182 -19.18 -0.80 -5.72
C TYR A 182 -19.53 -2.28 -5.68
N LYS A 183 -19.91 -2.85 -6.82
CA LYS A 183 -20.28 -4.26 -6.85
C LYS A 183 -19.13 -5.14 -6.38
N MET A 184 -17.91 -4.84 -6.84
CA MET A 184 -16.73 -5.54 -6.36
C MET A 184 -16.55 -5.24 -4.88
N GLY A 185 -16.74 -6.24 -4.03
CA GLY A 185 -16.74 -6.00 -2.60
C GLY A 185 -18.13 -6.09 -2.00
N ASN A 186 -18.75 -4.93 -1.75
CA ASN A 186 -20.01 -4.89 -1.03
C ASN A 186 -21.03 -5.86 -1.61
N LEU A 187 -21.10 -5.97 -2.94
CA LEU A 187 -22.04 -6.89 -3.57
C LEU A 187 -21.43 -8.28 -3.75
N ASP A 188 -20.21 -8.35 -4.29
CA ASP A 188 -19.54 -9.61 -4.57
C ASP A 188 -18.28 -9.73 -3.72
N ASN A 189 -18.05 -10.93 -3.19
CA ASN A 189 -16.85 -11.24 -2.41
C ASN A 189 -16.10 -12.33 -3.17
N ARG A 190 -15.28 -11.91 -4.13
CA ARG A 190 -14.44 -12.83 -4.89
C ARG A 190 -12.99 -12.36 -4.86
N ILE A 191 -12.80 -11.05 -4.77
CA ILE A 191 -11.49 -10.44 -4.65
C ILE A 191 -11.48 -9.61 -3.38
N ALA A 192 -10.47 -9.83 -2.54
CA ALA A 192 -10.32 -9.10 -1.29
C ALA A 192 -9.23 -8.05 -1.45
N ASN A 193 -9.52 -6.84 -0.95
CA ASN A 193 -8.58 -5.74 -1.05
C ASN A 193 -8.29 -5.41 -2.50
N PRO A 194 -9.27 -4.92 -3.26
CA PRO A 194 -9.00 -4.52 -4.65
C PRO A 194 -8.18 -3.25 -4.77
N ASP A 195 -7.98 -2.51 -3.69
CA ASP A 195 -7.19 -1.29 -3.74
C ASP A 195 -5.69 -1.56 -3.77
N GLN A 196 -5.26 -2.79 -3.47
CA GLN A 196 -3.86 -3.16 -3.53
C GLN A 196 -3.51 -3.98 -4.76
N LEU A 197 -4.49 -4.61 -5.40
CA LEU A 197 -4.23 -5.47 -6.54
C LEU A 197 -4.05 -4.69 -7.83
N LEU A 198 -4.43 -3.41 -7.86
CA LEU A 198 -4.22 -2.54 -9.01
C LEU A 198 -3.36 -1.32 -8.68
N THR A 199 -2.74 -1.29 -7.50
CA THR A 199 -1.82 -0.23 -7.13
C THR A 199 -0.42 -0.73 -6.83
N GLN A 200 -0.30 -1.86 -6.13
CA GLN A 200 0.98 -2.47 -5.82
C GLN A 200 1.24 -3.75 -6.59
N ASP A 201 0.20 -4.53 -6.87
CA ASP A 201 0.40 -5.76 -7.62
C ASP A 201 0.76 -5.47 -9.08
N VAL A 202 0.16 -4.43 -9.65
CA VAL A 202 0.45 -4.09 -11.04
C VAL A 202 1.90 -3.66 -11.19
N GLU A 203 2.40 -2.84 -10.26
CA GLU A 203 3.77 -2.38 -10.35
C GLU A 203 4.75 -3.54 -10.24
N LYS A 204 4.53 -4.43 -9.27
CA LYS A 204 5.42 -5.58 -9.12
C LYS A 204 5.34 -6.50 -10.33
N PHE A 205 4.14 -6.70 -10.87
CA PHE A 205 4.01 -7.55 -12.05
C PHE A 205 4.74 -6.96 -13.25
N CYS A 206 4.62 -5.65 -13.46
CA CYS A 206 5.35 -5.03 -14.56
C CYS A 206 6.85 -5.15 -14.35
N ASN A 207 7.31 -4.95 -13.11
CA ASN A 207 8.73 -5.09 -12.82
C ASN A 207 9.21 -6.50 -13.11
N SER A 208 8.40 -7.51 -12.77
CA SER A 208 8.82 -8.89 -12.94
C SER A 208 8.80 -9.29 -14.42
N VAL A 209 7.79 -8.86 -15.17
CA VAL A 209 7.65 -9.33 -16.55
C VAL A 209 8.85 -8.91 -17.38
N VAL A 210 9.31 -7.67 -17.22
CA VAL A 210 10.49 -7.24 -17.96
C VAL A 210 11.73 -7.94 -17.42
N ASP A 211 11.83 -8.15 -16.11
CA ASP A 211 12.99 -8.81 -15.54
C ASP A 211 13.09 -10.26 -15.96
N LEU A 212 12.03 -10.83 -16.54
CA LEU A 212 12.17 -12.07 -17.29
C LEU A 212 12.80 -11.82 -18.66
N TYR A 213 12.86 -10.57 -19.10
CA TYR A 213 13.77 -10.13 -20.16
C TYR A 213 15.01 -9.54 -19.51
N SER A 214 16.11 -9.55 -20.27
CA SER A 214 17.44 -9.30 -19.74
C SER A 214 17.88 -10.42 -18.80
N ASN A 215 17.07 -11.45 -18.65
CA ASN A 215 17.37 -12.61 -17.82
C ASN A 215 16.50 -13.73 -18.37
N LEU A 216 17.12 -14.75 -18.96
CA LEU A 216 16.51 -15.70 -19.87
C LEU A 216 16.47 -15.14 -21.28
N SER A 217 16.90 -13.90 -21.49
CA SER A 217 17.11 -13.35 -22.83
C SER A 217 18.50 -12.76 -22.99
N LYS A 218 19.05 -12.14 -21.96
CA LYS A 218 20.44 -11.70 -22.01
C LYS A 218 21.39 -12.86 -22.24
N PRO A 219 21.27 -14.00 -21.55
CA PRO A 219 22.13 -15.16 -21.86
C PRO A 219 21.62 -16.02 -22.99
N PHE A 220 20.41 -15.77 -23.49
CA PHE A 220 19.91 -16.59 -24.61
C PHE A 220 20.77 -16.40 -25.84
N LEU A 221 21.06 -15.15 -26.20
CA LEU A 221 21.86 -14.87 -27.39
C LEU A 221 23.35 -14.88 -27.12
N ASP A 222 23.77 -15.04 -25.86
CA ASP A 222 25.15 -15.38 -25.56
C ASP A 222 25.43 -16.85 -25.83
N ILE A 223 24.42 -17.62 -26.19
CA ILE A 223 24.59 -19.01 -26.59
C ILE A 223 24.66 -19.15 -28.10
N VAL A 224 23.88 -18.34 -28.83
CA VAL A 224 23.94 -18.39 -30.29
C VAL A 224 25.14 -17.60 -30.82
N LEU A 225 25.52 -16.51 -30.16
CA LEU A 225 26.66 -15.73 -30.59
C LEU A 225 27.99 -16.31 -30.11
N TYR A 226 27.96 -17.32 -29.23
CA TYR A 226 29.13 -18.13 -28.97
C TYR A 226 29.17 -19.35 -29.88
N ILE A 227 28.01 -19.87 -30.27
CA ILE A 227 27.96 -20.95 -31.24
C ILE A 227 28.50 -20.49 -32.59
N PHE A 228 28.56 -19.18 -32.82
CA PHE A 228 29.09 -18.66 -34.08
C PHE A 228 30.48 -19.20 -34.36
N LYS A 229 31.26 -19.49 -33.32
CA LYS A 229 32.60 -20.03 -33.47
C LYS A 229 32.62 -21.55 -33.37
N LEU A 230 31.47 -22.19 -33.19
CA LEU A 230 31.39 -23.64 -33.10
C LEU A 230 30.12 -24.15 -33.80
N ALA A 240 31.07 -31.13 -31.75
CA ALA A 240 30.28 -32.15 -31.05
C ALA A 240 29.85 -31.65 -29.69
N SER A 241 28.82 -30.80 -29.67
CA SER A 241 28.29 -30.22 -28.44
C SER A 241 26.92 -30.85 -28.17
N MET A 242 26.93 -31.96 -27.45
CA MET A 242 25.70 -32.65 -27.04
C MET A 242 25.29 -32.30 -25.62
N MET A 243 25.88 -31.25 -25.03
CA MET A 243 25.61 -30.89 -23.65
C MET A 243 24.30 -30.10 -23.54
N ALA A 244 23.23 -30.65 -24.10
CA ALA A 244 21.90 -30.04 -23.96
C ALA A 244 21.19 -30.68 -22.77
N TYR A 245 21.74 -30.41 -21.59
CA TYR A 245 21.22 -30.96 -20.35
C TYR A 245 20.12 -30.09 -19.74
N LEU A 246 19.72 -29.00 -20.41
CA LEU A 246 18.58 -28.23 -19.95
C LEU A 246 17.32 -29.08 -19.93
N VAL A 247 17.23 -30.09 -20.79
CA VAL A 247 16.04 -30.93 -20.83
C VAL A 247 15.85 -31.63 -19.48
N VAL A 248 16.96 -32.03 -18.85
CA VAL A 248 16.89 -32.73 -17.57
C VAL A 248 17.11 -31.82 -16.37
N SER A 249 17.53 -30.57 -16.60
CA SER A 249 17.73 -29.61 -15.52
C SER A 249 16.66 -28.53 -15.49
N GLY A 250 15.68 -28.58 -16.38
CA GLY A 250 14.56 -27.66 -16.35
C GLY A 250 13.27 -28.39 -16.08
N LEU A 251 13.16 -29.62 -16.58
CA LEU A 251 12.09 -30.50 -16.13
C LEU A 251 12.26 -30.81 -14.64
N PHE A 252 13.50 -31.04 -14.22
CA PHE A 252 13.88 -30.94 -12.82
C PHE A 252 14.31 -29.50 -12.54
N LEU A 253 14.27 -29.13 -11.26
CA LEU A 253 14.61 -27.78 -10.83
C LEU A 253 13.48 -26.80 -11.19
N THR A 254 12.52 -27.27 -11.96
CA THR A 254 11.19 -26.67 -12.06
C THR A 254 10.20 -27.83 -12.01
N ARG A 255 9.03 -27.58 -11.43
CA ARG A 255 8.17 -28.58 -10.80
C ARG A 255 8.74 -28.95 -9.42
N LEU A 256 9.95 -28.48 -9.11
CA LEU A 256 10.50 -28.51 -7.76
C LEU A 256 10.57 -27.11 -7.16
N ARG A 257 9.95 -26.12 -7.82
CA ARG A 257 9.82 -24.77 -7.30
C ARG A 257 8.37 -24.30 -7.30
N ARG A 258 7.42 -25.20 -7.51
CA ARG A 258 6.01 -24.81 -7.55
C ARG A 258 5.56 -24.02 -6.32
N PRO A 259 5.98 -24.37 -5.10
CA PRO A 259 5.44 -23.64 -3.93
C PRO A 259 5.65 -22.14 -3.99
N ILE A 260 6.68 -21.67 -4.69
CA ILE A 260 7.01 -20.25 -4.66
C ILE A 260 5.84 -19.42 -5.20
N GLY A 261 5.16 -19.91 -6.22
CA GLY A 261 4.05 -19.17 -6.80
C GLY A 261 2.89 -18.94 -5.85
N LYS A 262 2.29 -20.04 -5.38
CA LYS A 262 1.21 -19.93 -4.40
C LYS A 262 1.66 -19.16 -3.17
N MET A 263 2.94 -19.29 -2.80
CA MET A 263 3.40 -18.68 -1.56
C MET A 263 3.60 -17.18 -1.73
N THR A 264 4.02 -16.72 -2.91
CA THR A 264 4.04 -15.29 -3.15
C THR A 264 2.63 -14.74 -3.30
N ILE A 265 1.70 -15.53 -3.84
CA ILE A 265 0.31 -15.09 -3.89
C ILE A 265 -0.21 -14.82 -2.49
N THR A 266 -0.01 -15.78 -1.58
CA THR A 266 -0.52 -15.60 -0.22
C THR A 266 0.26 -14.53 0.54
N GLU A 267 1.55 -14.36 0.24
CA GLU A 267 2.29 -13.25 0.85
C GLU A 267 1.71 -11.91 0.42
N GLN A 268 1.38 -11.77 -0.85
CA GLN A 268 0.75 -10.54 -1.32
C GLN A 268 -0.61 -10.34 -0.64
N LYS A 269 -1.37 -11.43 -0.49
CA LYS A 269 -2.66 -11.32 0.19
C LYS A 269 -2.49 -10.80 1.61
N TYR A 270 -1.54 -11.36 2.36
CA TYR A 270 -1.32 -10.93 3.73
C TYR A 270 -0.84 -9.49 3.79
N GLU A 271 0.05 -9.09 2.87
CA GLU A 271 0.50 -7.71 2.84
C GLU A 271 -0.67 -6.77 2.59
N GLY A 272 -1.55 -7.13 1.66
CA GLY A 272 -2.72 -6.31 1.39
C GLY A 272 -3.64 -6.20 2.59
N GLU A 273 -3.86 -7.32 3.29
CA GLU A 273 -4.71 -7.29 4.48
C GLU A 273 -4.10 -6.40 5.55
N TYR A 274 -2.79 -6.49 5.76
CA TYR A 274 -2.12 -5.66 6.75
C TYR A 274 -2.27 -4.18 6.41
N ARG A 275 -2.03 -3.83 5.14
CA ARG A 275 -2.16 -2.44 4.73
C ARG A 275 -3.60 -1.96 4.87
N TYR A 276 -4.56 -2.81 4.55
CA TYR A 276 -5.96 -2.43 4.67
C TYR A 276 -6.36 -2.21 6.12
N VAL A 277 -5.84 -3.04 7.03
CA VAL A 277 -6.10 -2.83 8.45
C VAL A 277 -5.57 -1.48 8.88
N ASN A 278 -4.34 -1.15 8.45
CA ASN A 278 -3.79 0.16 8.80
C ASN A 278 -4.64 1.29 8.24
N SER A 279 -5.05 1.17 6.98
CA SER A 279 -5.84 2.22 6.36
C SER A 279 -7.18 2.38 7.05
N ARG A 280 -7.81 1.28 7.42
CA ARG A 280 -9.10 1.35 8.12
C ARG A 280 -8.92 1.99 9.49
N LEU A 281 -7.83 1.68 10.19
CA LEU A 281 -7.56 2.35 11.45
C LEU A 281 -7.41 3.85 11.25
N ILE A 282 -6.70 4.26 10.21
CA ILE A 282 -6.50 5.68 9.96
C ILE A 282 -7.82 6.36 9.61
N THR A 283 -8.65 5.72 8.78
CA THR A 283 -9.87 6.34 8.28
C THR A 283 -10.76 6.79 9.43
N ASN A 284 -11.27 5.85 10.21
CA ASN A 284 -12.12 6.16 11.36
C ASN A 284 -11.30 6.14 12.64
N SER A 285 -10.32 7.05 12.70
CA SER A 285 -9.48 7.16 13.88
C SER A 285 -10.18 7.89 15.01
N GLU A 286 -11.04 8.85 14.70
CA GLU A 286 -11.75 9.59 15.74
C GLU A 286 -12.69 8.68 16.51
N GLU A 287 -13.45 7.85 15.79
CA GLU A 287 -14.39 6.94 16.45
C GLU A 287 -13.64 5.96 17.34
N ILE A 288 -12.52 5.43 16.86
CA ILE A 288 -11.71 4.52 17.68
C ILE A 288 -11.18 5.26 18.91
N ALA A 289 -10.76 6.52 18.73
CA ALA A 289 -10.22 7.27 19.85
C ALA A 289 -11.27 7.48 20.93
N PHE A 290 -12.51 7.78 20.54
CA PHE A 290 -13.55 8.00 21.53
C PHE A 290 -13.81 6.75 22.36
N TYR A 291 -13.83 5.59 21.71
CA TYR A 291 -14.04 4.33 22.43
C TYR A 291 -12.84 3.90 23.25
N ASN A 292 -11.70 4.57 23.13
CA ASN A 292 -10.49 4.20 23.85
C ASN A 292 -10.08 2.77 23.49
N GLY A 293 -10.13 2.45 22.21
CA GLY A 293 -9.82 1.10 21.74
C GLY A 293 -8.40 0.93 21.28
N ASN A 294 -7.46 1.62 21.92
CA ASN A 294 -6.05 1.49 21.55
C ASN A 294 -5.59 0.04 21.69
N LYS A 295 -5.87 -0.58 22.85
CA LYS A 295 -5.41 -1.93 23.09
C LYS A 295 -6.02 -2.92 22.11
N ARG A 296 -7.33 -2.81 21.88
CA ARG A 296 -8.00 -3.75 20.99
C ARG A 296 -7.48 -3.62 19.56
N GLU A 297 -7.30 -2.38 19.09
CA GLU A 297 -6.80 -2.19 17.73
C GLU A 297 -5.35 -2.65 17.60
N LYS A 298 -4.54 -2.42 18.64
CA LYS A 298 -3.18 -2.94 18.61
C LYS A 298 -3.19 -4.45 18.54
N GLN A 299 -4.07 -5.10 19.30
CA GLN A 299 -4.16 -6.55 19.24
C GLN A 299 -4.57 -7.02 17.86
N THR A 300 -5.59 -6.40 17.27
CA THR A 300 -6.08 -6.86 15.98
C THR A 300 -5.14 -6.54 14.84
N VAL A 301 -4.23 -5.57 15.02
CA VAL A 301 -3.22 -5.30 14.01
C VAL A 301 -2.05 -6.27 14.15
N HIS A 302 -1.55 -6.43 15.37
CA HIS A 302 -0.46 -7.37 15.61
C HIS A 302 -0.87 -8.80 15.30
N SER A 303 -2.17 -9.11 15.34
CA SER A 303 -2.62 -10.45 14.97
C SER A 303 -2.37 -10.73 13.49
N VAL A 304 -2.62 -9.74 12.62
CA VAL A 304 -2.42 -9.94 11.20
C VAL A 304 -0.98 -9.65 10.78
N PHE A 305 -0.23 -8.88 11.57
CA PHE A 305 1.20 -8.72 11.27
C PHE A 305 1.97 -10.00 11.59
N ARG A 306 1.70 -10.60 12.74
CA ARG A 306 2.37 -11.86 13.08
C ARG A 306 1.92 -12.98 12.16
N LYS A 307 0.69 -12.90 11.63
CA LYS A 307 0.25 -13.85 10.61
C LYS A 307 1.01 -13.68 9.30
N LEU A 308 1.72 -12.56 9.13
CA LEU A 308 2.48 -12.29 7.92
C LEU A 308 3.93 -12.74 8.06
N VAL A 309 4.63 -12.20 9.06
CA VAL A 309 6.04 -12.51 9.24
C VAL A 309 6.23 -13.99 9.54
N GLU A 310 5.29 -14.59 10.28
CA GLU A 310 5.36 -16.04 10.49
C GLU A 310 5.35 -16.78 9.18
N HIS A 311 4.78 -16.19 8.13
CA HIS A 311 4.76 -16.80 6.81
C HIS A 311 6.00 -16.43 5.99
N LEU A 312 6.47 -15.19 6.12
CA LEU A 312 7.73 -14.84 5.46
C LEU A 312 8.88 -15.69 5.98
N HIS A 313 8.79 -16.15 7.23
CA HIS A 313 9.82 -17.05 7.76
C HIS A 313 9.84 -18.35 6.97
N ASN A 314 8.67 -18.95 6.74
CA ASN A 314 8.63 -20.16 5.91
C ASN A 314 9.00 -19.85 4.46
N PHE A 315 8.76 -18.62 4.01
CA PHE A 315 9.11 -18.25 2.64
C PHE A 315 10.62 -18.23 2.45
N ILE A 316 11.34 -17.56 3.35
CA ILE A 316 12.79 -17.48 3.23
C ILE A 316 13.51 -18.70 3.77
N LEU A 317 12.81 -19.57 4.51
CA LEU A 317 13.35 -20.87 4.85
C LEU A 317 13.14 -21.89 3.74
N PHE A 318 12.29 -21.57 2.76
CA PHE A 318 12.12 -22.40 1.59
C PHE A 318 13.05 -22.00 0.45
N ARG A 319 13.35 -20.71 0.31
CA ARG A 319 14.26 -20.27 -0.74
C ARG A 319 15.65 -20.85 -0.53
N PHE A 320 16.14 -20.83 0.72
CA PHE A 320 17.43 -21.45 1.02
C PHE A 320 17.38 -22.95 0.76
N SER A 321 16.32 -23.61 1.23
CA SER A 321 16.13 -25.02 0.91
C SER A 321 16.02 -25.24 -0.58
N MET A 322 15.67 -24.19 -1.34
CA MET A 322 15.65 -24.26 -2.79
C MET A 322 16.97 -23.83 -3.39
N GLY A 323 17.59 -22.79 -2.82
CA GLY A 323 18.87 -22.34 -3.32
C GLY A 323 19.94 -23.41 -3.24
N PHE A 324 19.87 -24.26 -2.21
CA PHE A 324 20.85 -25.33 -2.09
C PHE A 324 20.84 -26.22 -3.33
N ILE A 325 19.67 -26.70 -3.72
CA ILE A 325 19.59 -27.56 -4.91
C ILE A 325 19.81 -26.74 -6.17
N ASP A 326 19.42 -25.47 -6.16
CA ASP A 326 19.53 -24.63 -7.35
C ASP A 326 20.94 -24.14 -7.62
N SER A 327 21.87 -24.32 -6.69
CA SER A 327 23.25 -23.91 -6.88
C SER A 327 24.20 -25.10 -7.01
N ILE A 328 23.68 -26.32 -7.11
CA ILE A 328 24.48 -27.49 -7.42
C ILE A 328 23.98 -28.21 -8.66
N ILE A 329 23.06 -27.59 -9.40
CA ILE A 329 22.58 -28.14 -10.66
C ILE A 329 22.60 -27.05 -11.72
N ALA A 330 22.81 -25.80 -11.31
CA ALA A 330 22.81 -24.67 -12.23
C ALA A 330 24.12 -23.91 -12.24
N LYS A 331 24.65 -23.54 -11.07
CA LYS A 331 25.77 -22.61 -11.01
C LYS A 331 27.13 -23.28 -10.84
N TYR A 332 27.18 -24.52 -10.39
CA TYR A 332 28.46 -25.20 -10.20
C TYR A 332 28.55 -26.53 -10.94
N LEU A 333 27.47 -27.31 -10.98
CA LEU A 333 27.49 -28.52 -11.79
C LEU A 333 27.57 -28.20 -13.28
N ALA A 334 27.11 -27.02 -13.70
CA ALA A 334 27.28 -26.61 -15.08
C ALA A 334 28.76 -26.51 -15.44
N THR A 335 29.56 -25.94 -14.54
CA THR A 335 31.00 -25.89 -14.78
C THR A 335 31.58 -27.29 -14.89
N VAL A 336 31.10 -28.22 -14.05
CA VAL A 336 31.61 -29.59 -14.08
C VAL A 336 31.30 -30.24 -15.41
N VAL A 337 30.05 -30.10 -15.89
CA VAL A 337 29.69 -30.72 -17.16
C VAL A 337 30.45 -30.06 -18.31
N GLY A 338 30.68 -28.74 -18.22
CA GLY A 338 31.46 -28.07 -19.25
C GLY A 338 32.88 -28.58 -19.31
N TYR A 339 33.53 -28.73 -18.15
CA TYR A 339 34.87 -29.30 -18.12
C TYR A 339 34.87 -30.71 -18.65
N LEU A 340 33.84 -31.49 -18.32
CA LEU A 340 33.78 -32.87 -18.79
C LEU A 340 33.68 -32.93 -20.31
N VAL A 341 32.81 -32.12 -20.91
CA VAL A 341 32.60 -32.18 -22.35
C VAL A 341 33.81 -31.62 -23.08
N VAL A 342 34.35 -30.50 -22.62
CA VAL A 342 35.45 -29.86 -23.31
C VAL A 342 36.69 -30.73 -23.33
N SER A 343 36.80 -31.69 -22.42
CA SER A 343 37.97 -32.54 -22.31
C SER A 343 37.93 -33.76 -23.23
N ARG A 344 36.80 -34.05 -23.86
CA ARG A 344 36.72 -35.24 -24.71
C ARG A 344 37.78 -35.25 -25.80
N PRO A 345 38.01 -34.16 -26.55
CA PRO A 345 39.04 -34.21 -27.59
C PRO A 345 40.45 -34.31 -27.02
N PHE A 346 40.68 -33.83 -25.81
CA PHE A 346 42.01 -33.82 -25.21
C PHE A 346 42.31 -35.21 -24.64
N LEU A 347 42.67 -36.12 -25.53
CA LEU A 347 43.01 -37.48 -25.13
C LEU A 347 44.07 -38.06 -26.06
N LYS A 356 40.10 -34.62 -34.52
CA LYS A 356 41.26 -35.26 -33.91
C LYS A 356 42.46 -34.33 -33.88
N SER A 357 42.60 -33.55 -32.81
CA SER A 357 43.77 -32.70 -32.60
C SER A 357 44.94 -33.60 -32.22
N THR A 358 45.63 -34.09 -33.25
CA THR A 358 46.67 -35.11 -33.03
C THR A 358 47.68 -34.67 -32.00
N HIS A 359 48.38 -33.57 -32.27
CA HIS A 359 49.38 -33.06 -31.33
C HIS A 359 49.21 -31.59 -31.00
N SER A 360 48.81 -30.76 -31.96
CA SER A 360 48.62 -29.33 -31.75
C SER A 360 49.68 -28.77 -30.82
N GLU A 361 50.96 -29.01 -31.14
CA GLU A 361 52.06 -28.61 -30.26
C GLU A 361 51.83 -27.20 -29.73
N LEU A 362 52.12 -27.01 -28.45
CA LEU A 362 51.76 -25.79 -27.73
C LEU A 362 50.24 -25.62 -27.74
N LEU A 363 49.57 -26.55 -27.04
CA LEU A 363 48.12 -26.61 -27.01
C LEU A 363 47.54 -25.52 -26.12
N GLU A 364 47.82 -24.27 -26.50
CA GLU A 364 47.19 -23.12 -25.89
C GLU A 364 45.94 -22.68 -26.63
N ASP A 365 45.62 -23.32 -27.76
CA ASP A 365 44.39 -23.00 -28.49
C ASP A 365 43.16 -23.25 -27.63
N TYR A 366 43.28 -24.07 -26.59
CA TYR A 366 42.16 -24.28 -25.68
C TYR A 366 41.70 -22.97 -25.06
N TYR A 367 42.59 -21.97 -24.97
CA TYR A 367 42.21 -20.69 -24.41
C TYR A 367 41.18 -19.96 -25.26
N GLN A 368 41.00 -20.37 -26.52
CA GLN A 368 40.00 -19.78 -27.40
C GLN A 368 39.15 -20.84 -28.10
N SER A 369 39.35 -22.12 -27.80
CA SER A 369 38.66 -23.22 -28.44
C SER A 369 38.11 -24.18 -27.39
N GLY A 370 37.39 -23.63 -26.42
CA GLY A 370 36.89 -24.41 -25.30
C GLY A 370 36.80 -23.61 -24.02
N ARG A 371 37.54 -22.50 -23.92
CA ARG A 371 37.21 -21.52 -22.89
C ARG A 371 35.85 -20.91 -23.17
N MET A 372 35.61 -20.51 -24.43
CA MET A 372 34.28 -20.07 -24.81
C MET A 372 33.26 -21.16 -24.53
N LEU A 373 33.65 -22.43 -24.60
CA LEU A 373 32.70 -23.50 -24.35
C LEU A 373 32.28 -23.54 -22.88
N LEU A 374 33.23 -23.40 -21.96
CA LEU A 374 32.85 -23.38 -20.55
C LEU A 374 32.08 -22.10 -20.22
N ARG A 375 32.40 -20.98 -20.88
CA ARG A 375 31.59 -19.78 -20.70
C ARG A 375 30.17 -20.01 -21.18
N MET A 376 30.01 -20.70 -22.32
CA MET A 376 28.68 -21.00 -22.83
C MET A 376 27.93 -21.93 -21.90
N SER A 377 28.62 -22.89 -21.30
CA SER A 377 27.96 -23.76 -20.31
C SER A 377 27.53 -22.98 -19.08
N GLN A 378 28.38 -22.04 -18.63
CA GLN A 378 27.99 -21.17 -17.52
C GLN A 378 26.74 -20.37 -17.86
N ALA A 379 26.68 -19.82 -19.08
CA ALA A 379 25.50 -19.07 -19.50
C ALA A 379 24.28 -19.98 -19.59
N LEU A 380 24.47 -21.20 -20.08
CA LEU A 380 23.35 -22.14 -20.18
C LEU A 380 22.79 -22.46 -18.80
N GLY A 381 23.67 -22.65 -17.81
CA GLY A 381 23.20 -22.81 -16.46
C GLY A 381 22.53 -21.56 -15.92
N ARG A 382 23.07 -20.38 -16.25
CA ARG A 382 22.47 -19.14 -15.80
C ARG A 382 21.07 -18.95 -16.36
N ILE A 383 20.80 -19.52 -17.54
CA ILE A 383 19.45 -19.41 -18.10
C ILE A 383 18.44 -20.08 -17.18
N VAL A 384 18.69 -21.33 -16.79
CA VAL A 384 17.75 -22.00 -15.91
C VAL A 384 17.78 -21.38 -14.53
N LEU A 385 18.92 -20.84 -14.09
CA LEU A 385 18.97 -20.16 -12.81
C LEU A 385 18.07 -18.93 -12.81
N ALA A 386 18.10 -18.14 -13.88
CA ALA A 386 17.21 -16.99 -14.00
C ALA A 386 15.78 -17.40 -14.25
N GLY A 387 15.56 -18.64 -14.69
CA GLY A 387 14.21 -19.17 -14.75
C GLY A 387 13.47 -19.14 -13.43
N ARG A 388 14.15 -18.79 -12.33
CA ARG A 388 13.48 -18.64 -11.05
C ARG A 388 12.44 -17.51 -11.11
N GLU A 389 12.78 -16.41 -11.77
CA GLU A 389 11.85 -15.29 -11.87
C GLU A 389 10.58 -15.67 -12.60
N MET A 390 10.61 -16.71 -13.43
CA MET A 390 9.41 -17.12 -14.15
C MET A 390 8.32 -17.58 -13.18
N THR A 391 8.65 -18.51 -12.28
CA THR A 391 7.64 -19.03 -11.37
C THR A 391 7.19 -17.96 -10.38
N ARG A 392 8.12 -17.11 -9.92
CA ARG A 392 7.72 -16.00 -9.08
C ARG A 392 6.80 -15.03 -9.81
N LEU A 393 6.82 -15.05 -11.15
CA LEU A 393 5.89 -14.27 -11.95
C LEU A 393 4.60 -15.02 -12.23
N ALA A 394 4.54 -16.32 -11.94
CA ALA A 394 3.28 -17.04 -12.06
C ALA A 394 2.27 -16.55 -11.04
N GLY A 395 2.74 -16.23 -9.82
CA GLY A 395 1.83 -15.75 -8.80
C GLY A 395 1.20 -14.42 -9.17
N PHE A 396 2.01 -13.48 -9.64
CA PHE A 396 1.48 -12.17 -10.00
C PHE A 396 0.49 -12.27 -11.15
N THR A 397 0.79 -13.09 -12.16
CA THR A 397 -0.14 -13.23 -13.27
C THR A 397 -1.43 -13.93 -12.85
N ALA A 398 -1.32 -14.97 -12.02
CA ALA A 398 -2.52 -15.63 -11.51
C ALA A 398 -3.30 -14.74 -10.56
N ARG A 399 -2.68 -13.69 -10.04
CA ARG A 399 -3.39 -12.74 -9.19
C ARG A 399 -4.11 -11.68 -10.03
N ILE A 400 -3.39 -11.07 -10.98
CA ILE A 400 -3.99 -10.01 -11.78
C ILE A 400 -5.08 -10.57 -12.69
N THR A 401 -4.88 -11.78 -13.21
CA THR A 401 -5.90 -12.37 -14.09
C THR A 401 -7.25 -12.47 -13.38
N GLU A 402 -7.24 -12.60 -12.05
CA GLU A 402 -8.50 -12.58 -11.31
C GLU A 402 -9.09 -11.17 -11.27
N LEU A 403 -8.25 -10.15 -11.05
CA LEU A 403 -8.74 -8.79 -11.10
C LEU A 403 -9.35 -8.48 -12.46
N MET A 404 -8.92 -9.17 -13.51
CA MET A 404 -9.65 -9.13 -14.78
C MET A 404 -10.79 -10.14 -14.78
N GLN A 405 -11.53 -10.12 -13.68
CA GLN A 405 -12.90 -10.61 -13.61
C GLN A 405 -13.83 -9.47 -13.22
N VAL A 406 -13.43 -8.25 -13.60
CA VAL A 406 -14.28 -7.07 -13.51
C VAL A 406 -15.18 -7.06 -14.72
N LEU A 407 -15.18 -8.17 -15.47
CA LEU A 407 -16.17 -8.46 -16.49
C LEU A 407 -17.53 -8.80 -15.89
N LYS A 408 -17.68 -8.63 -14.57
CA LYS A 408 -18.97 -8.73 -13.92
C LYS A 408 -19.86 -7.57 -14.35
N ASP A 409 -19.28 -6.61 -15.08
CA ASP A 409 -20.09 -5.53 -15.65
C ASP A 409 -21.23 -6.11 -16.47
N LEU A 410 -21.03 -7.29 -17.06
CA LEU A 410 -22.11 -7.99 -17.75
C LEU A 410 -22.98 -8.73 -16.75
N ASN A 411 -22.36 -9.47 -15.83
CA ASN A 411 -23.07 -10.23 -14.80
C ASN A 411 -24.14 -9.39 -14.12
N GLY A 440 -36.02 -8.92 -13.83
CA GLY A 440 -36.83 -7.73 -13.92
C GLY A 440 -36.51 -6.89 -15.14
N GLU A 441 -37.17 -5.74 -15.26
CA GLU A 441 -36.99 -4.85 -16.40
C GLU A 441 -36.85 -3.42 -15.89
N ILE A 442 -36.03 -2.64 -16.60
CA ILE A 442 -35.85 -1.22 -16.33
C ILE A 442 -36.31 -0.45 -17.55
N ILE A 443 -37.18 0.54 -17.34
CA ILE A 443 -37.75 1.35 -18.41
C ILE A 443 -37.40 2.80 -18.14
N ILE A 444 -36.92 3.48 -19.19
CA ILE A 444 -36.49 4.88 -19.06
C ILE A 444 -37.71 5.73 -19.34
N ALA A 445 -38.51 5.96 -18.30
CA ALA A 445 -39.65 6.86 -18.38
C ALA A 445 -39.15 8.30 -18.26
N ASP A 446 -40.06 9.25 -18.07
CA ASP A 446 -39.70 10.65 -18.00
C ASP A 446 -40.15 11.34 -16.73
N ASN A 447 -41.34 11.02 -16.21
CA ASN A 447 -41.86 11.76 -15.05
C ASN A 447 -42.58 10.86 -14.05
N ILE A 448 -42.45 9.54 -14.14
CA ILE A 448 -43.11 8.62 -13.22
C ILE A 448 -42.09 7.63 -12.70
N ILE A 449 -41.92 7.58 -11.37
CA ILE A 449 -41.11 6.55 -10.72
C ILE A 449 -42.08 5.41 -10.40
N LYS A 450 -42.21 4.48 -11.34
CA LYS A 450 -43.16 3.39 -11.18
C LYS A 450 -42.52 2.23 -10.41
N PHE A 451 -43.39 1.33 -9.93
CA PHE A 451 -42.94 0.13 -9.23
C PHE A 451 -44.05 -0.91 -9.42
N ASP A 452 -43.84 -1.84 -10.35
CA ASP A 452 -44.84 -2.86 -10.68
C ASP A 452 -44.35 -4.20 -10.13
N HIS A 453 -44.94 -4.60 -9.01
CA HIS A 453 -44.70 -5.90 -8.37
C HIS A 453 -43.23 -6.30 -8.48
N VAL A 454 -42.38 -5.44 -7.93
CA VAL A 454 -40.93 -5.65 -7.91
C VAL A 454 -40.53 -5.98 -6.47
N PRO A 455 -40.12 -7.21 -6.17
CA PRO A 455 -39.69 -7.55 -4.81
C PRO A 455 -38.28 -7.06 -4.54
N LEU A 456 -38.16 -5.99 -3.76
CA LEU A 456 -36.84 -5.51 -3.37
C LEU A 456 -36.17 -6.51 -2.45
N ALA A 457 -34.86 -6.68 -2.63
CA ALA A 457 -34.13 -7.71 -1.90
C ALA A 457 -32.69 -7.27 -1.72
N THR A 458 -32.03 -7.90 -0.75
CA THR A 458 -30.61 -7.67 -0.51
C THR A 458 -29.79 -8.40 -1.56
N PRO A 459 -28.51 -8.08 -1.67
CA PRO A 459 -27.67 -8.77 -2.68
C PRO A 459 -27.74 -10.28 -2.55
N ASN A 460 -27.79 -10.81 -1.33
CA ASN A 460 -27.93 -12.25 -1.13
C ASN A 460 -29.37 -12.68 -1.44
N GLY A 461 -29.63 -13.97 -1.22
CA GLY A 461 -30.94 -14.52 -1.52
C GLY A 461 -31.94 -14.40 -0.39
N ASP A 462 -32.27 -13.17 -0.01
CA ASP A 462 -33.32 -12.91 0.96
C ASP A 462 -34.19 -11.78 0.47
N VAL A 463 -35.47 -11.80 0.87
CA VAL A 463 -36.45 -10.84 0.41
C VAL A 463 -37.02 -10.12 1.62
N LEU A 464 -37.03 -8.78 1.55
CA LEU A 464 -37.56 -7.96 2.63
C LEU A 464 -39.05 -7.67 2.42
N ILE A 465 -39.38 -7.04 1.29
CA ILE A 465 -40.76 -6.78 0.91
C ILE A 465 -40.92 -7.22 -0.55
N ARG A 466 -41.98 -7.96 -0.82
CA ARG A 466 -42.15 -8.62 -2.12
C ARG A 466 -43.26 -8.01 -2.98
N ASP A 467 -44.02 -7.05 -2.47
CA ASP A 467 -45.11 -6.47 -3.25
C ASP A 467 -44.68 -5.21 -3.99
N LEU A 468 -44.38 -4.15 -3.26
CA LEU A 468 -43.85 -2.90 -3.82
C LEU A 468 -44.54 -2.54 -5.13
N ASN A 469 -45.86 -2.34 -5.05
CA ASN A 469 -46.69 -2.03 -6.21
C ASN A 469 -47.19 -0.59 -6.17
N PHE A 470 -46.31 0.35 -5.81
CA PHE A 470 -46.67 1.75 -5.67
C PHE A 470 -46.11 2.55 -6.85
N GLU A 471 -46.39 3.86 -6.83
CA GLU A 471 -45.88 4.78 -7.84
C GLU A 471 -46.02 6.20 -7.30
N VAL A 472 -45.32 7.13 -7.95
CA VAL A 472 -45.37 8.55 -7.58
C VAL A 472 -45.44 9.37 -8.86
N ARG A 473 -45.68 10.66 -8.69
CA ARG A 473 -45.76 11.62 -9.79
C ARG A 473 -44.96 12.86 -9.44
N SER A 474 -44.79 13.73 -10.43
CA SER A 474 -43.99 14.94 -10.25
C SER A 474 -44.64 15.96 -9.32
N GLY A 475 -45.91 15.78 -8.97
CA GLY A 475 -46.60 16.72 -8.10
C GLY A 475 -47.06 16.11 -6.80
N ALA A 476 -46.25 15.20 -6.23
CA ALA A 476 -46.61 14.54 -4.98
C ALA A 476 -45.31 14.15 -4.26
N ASN A 477 -44.90 14.99 -3.32
CA ASN A 477 -43.77 14.63 -2.47
C ASN A 477 -44.13 13.43 -1.60
N VAL A 478 -43.18 12.52 -1.43
CA VAL A 478 -43.39 11.30 -0.68
C VAL A 478 -42.37 11.22 0.44
N LEU A 479 -42.85 10.96 1.65
CA LEU A 479 -42.01 10.70 2.81
C LEU A 479 -42.36 9.32 3.35
N ILE A 480 -41.35 8.47 3.53
CA ILE A 480 -41.56 7.11 3.99
C ILE A 480 -40.80 6.90 5.28
N CYS A 481 -41.29 5.97 6.09
CA CYS A 481 -40.73 5.72 7.41
C CYS A 481 -41.07 4.29 7.80
N GLY A 482 -40.73 3.94 9.05
CA GLY A 482 -40.95 2.61 9.56
C GLY A 482 -39.91 2.25 10.60
N PRO A 483 -39.85 0.98 10.99
CA PRO A 483 -38.78 0.55 11.89
C PRO A 483 -37.42 0.75 11.27
N ASN A 484 -36.36 0.47 12.01
CA ASN A 484 -34.99 0.66 11.53
C ASN A 484 -34.46 -0.69 11.07
N GLY A 485 -34.39 -0.88 9.75
CA GLY A 485 -33.87 -2.11 9.19
C GLY A 485 -34.83 -2.84 8.29
N CYS A 486 -35.77 -2.11 7.68
CA CYS A 486 -36.76 -2.69 6.76
C CYS A 486 -36.68 -1.96 5.43
N GLY A 487 -35.71 -2.36 4.61
CA GLY A 487 -35.59 -1.88 3.25
C GLY A 487 -35.93 -0.42 3.02
N LYS A 488 -35.53 0.46 3.94
CA LYS A 488 -35.80 1.88 3.75
C LYS A 488 -34.73 2.53 2.87
N SER A 489 -33.48 2.50 3.32
CA SER A 489 -32.38 3.00 2.51
C SER A 489 -31.95 2.01 1.43
N SER A 490 -32.45 0.78 1.47
CA SER A 490 -32.20 -0.20 0.44
C SER A 490 -33.19 -0.12 -0.72
N LEU A 491 -34.26 0.65 -0.57
CA LEU A 491 -35.15 0.90 -1.70
C LEU A 491 -34.42 1.68 -2.79
N PHE A 492 -33.66 2.70 -2.40
CA PHE A 492 -32.92 3.48 -3.39
C PHE A 492 -31.84 2.66 -4.06
N ARG A 493 -31.15 1.79 -3.30
CA ARG A 493 -30.12 0.96 -3.89
C ARG A 493 -30.69 0.07 -4.99
N VAL A 494 -31.97 -0.26 -4.91
CA VAL A 494 -32.61 -1.03 -5.97
C VAL A 494 -33.14 -0.11 -7.07
N LEU A 495 -33.77 1.01 -6.70
CA LEU A 495 -34.19 1.98 -7.70
C LEU A 495 -32.99 2.48 -8.50
N GLY A 496 -31.97 2.94 -7.81
CA GLY A 496 -30.69 3.16 -8.46
C GLY A 496 -30.02 1.86 -8.81
N GLU A 497 -29.14 1.91 -9.82
CA GLU A 497 -28.50 0.69 -10.32
C GLU A 497 -27.32 0.29 -9.45
N LEU A 498 -27.61 0.12 -8.15
CA LEU A 498 -26.63 -0.35 -7.18
C LEU A 498 -26.83 -1.82 -6.82
N TRP A 499 -28.07 -2.27 -6.75
CA TRP A 499 -28.42 -3.64 -6.42
C TRP A 499 -29.26 -4.24 -7.55
N PRO A 500 -29.25 -5.55 -7.70
CA PRO A 500 -30.02 -6.18 -8.79
C PRO A 500 -31.51 -5.90 -8.64
N LEU A 501 -32.17 -5.80 -9.79
CA LEU A 501 -33.62 -5.57 -9.80
C LEU A 501 -34.36 -6.74 -9.19
N PHE A 502 -33.95 -7.97 -9.52
CA PHE A 502 -34.47 -9.22 -8.98
C PHE A 502 -35.87 -9.57 -9.48
N GLY A 503 -36.47 -8.77 -10.34
CA GLY A 503 -37.76 -9.10 -10.92
C GLY A 503 -38.66 -7.89 -10.97
N GLY A 504 -39.92 -8.15 -11.31
CA GLY A 504 -40.91 -7.09 -11.39
C GLY A 504 -40.56 -6.10 -12.49
N ARG A 505 -40.97 -4.84 -12.28
CA ARG A 505 -40.69 -3.79 -13.25
C ARG A 505 -40.63 -2.45 -12.52
N LEU A 506 -39.88 -1.51 -13.10
CA LEU A 506 -39.84 -0.16 -12.55
C LEU A 506 -39.37 0.78 -13.64
N THR A 507 -39.89 2.01 -13.59
CA THR A 507 -39.53 3.05 -14.54
C THR A 507 -39.08 4.28 -13.78
N LYS A 508 -38.00 4.90 -14.26
CA LYS A 508 -37.43 6.09 -13.64
C LYS A 508 -37.15 7.14 -14.71
N PRO A 509 -37.15 8.43 -14.33
CA PRO A 509 -36.99 9.48 -15.35
C PRO A 509 -35.69 9.34 -16.15
N GLU A 510 -34.57 9.40 -15.46
CA GLU A 510 -33.25 9.37 -16.09
C GLU A 510 -32.22 9.26 -14.97
N ARG A 511 -30.94 9.28 -15.34
CA ARG A 511 -29.85 9.37 -14.38
C ARG A 511 -29.24 10.76 -14.29
N GLY A 512 -29.51 11.63 -15.26
CA GLY A 512 -28.98 12.98 -15.25
C GLY A 512 -29.86 13.94 -14.46
N LYS A 513 -31.15 13.94 -14.75
CA LYS A 513 -32.10 14.78 -14.03
C LYS A 513 -32.69 14.06 -12.84
N LEU A 514 -31.81 13.52 -12.00
CA LEU A 514 -32.18 12.84 -10.77
C LEU A 514 -31.06 13.05 -9.77
N PHE A 515 -31.37 12.86 -8.49
CA PHE A 515 -30.38 13.08 -7.45
C PHE A 515 -30.59 12.11 -6.31
N TYR A 516 -29.48 11.56 -5.81
CA TYR A 516 -29.48 10.72 -4.62
C TYR A 516 -28.58 11.34 -3.58
N VAL A 517 -29.08 11.49 -2.36
CA VAL A 517 -28.29 11.90 -1.21
C VAL A 517 -28.14 10.68 -0.30
N PRO A 518 -26.96 10.07 -0.22
CA PRO A 518 -26.83 8.83 0.54
C PRO A 518 -27.04 9.06 2.03
N GLN A 519 -27.35 7.96 2.73
CA GLN A 519 -27.59 8.05 4.17
C GLN A 519 -26.35 8.58 4.89
N ARG A 520 -25.17 8.10 4.50
CA ARG A 520 -23.94 8.59 5.10
C ARG A 520 -23.37 9.73 4.28
N PRO A 521 -22.84 10.78 4.90
CA PRO A 521 -22.33 11.91 4.13
C PRO A 521 -21.04 11.56 3.40
N TYR A 522 -20.74 12.34 2.37
CA TYR A 522 -19.52 12.15 1.60
C TYR A 522 -19.09 13.48 1.01
N MET A 523 -17.90 13.94 1.41
CA MET A 523 -17.29 15.14 0.83
C MET A 523 -16.06 14.71 0.05
N THR A 524 -16.08 14.90 -1.26
CA THR A 524 -14.97 14.48 -2.10
C THR A 524 -13.72 15.29 -1.78
N LEU A 525 -12.56 14.64 -1.91
CA LEU A 525 -11.30 15.32 -1.73
C LEU A 525 -11.07 16.31 -2.86
N GLY A 526 -10.64 17.50 -2.53
CA GLY A 526 -10.44 18.55 -3.50
C GLY A 526 -10.65 19.91 -2.87
N THR A 527 -11.21 20.82 -3.66
CA THR A 527 -11.44 22.19 -3.23
C THR A 527 -12.89 22.39 -2.82
N LEU A 528 -13.13 23.51 -2.12
CA LEU A 528 -14.48 23.79 -1.63
C LEU A 528 -15.48 23.90 -2.78
N ARG A 529 -15.10 24.55 -3.87
CA ARG A 529 -15.99 24.69 -5.00
C ARG A 529 -16.46 23.33 -5.49
N ASP A 530 -15.55 22.36 -5.58
CA ASP A 530 -15.90 21.02 -6.05
C ASP A 530 -16.83 20.30 -5.09
N GLN A 531 -16.89 20.74 -3.83
CA GLN A 531 -17.85 20.13 -2.90
C GLN A 531 -19.27 20.43 -3.34
N VAL A 532 -19.55 21.67 -3.74
CA VAL A 532 -20.87 22.01 -4.22
C VAL A 532 -21.18 21.26 -5.51
N ILE A 533 -20.23 21.26 -6.44
CA ILE A 533 -20.33 20.51 -7.69
C ILE A 533 -19.52 19.24 -7.51
N TYR A 534 -20.14 18.20 -6.94
CA TYR A 534 -19.35 16.99 -6.79
C TYR A 534 -19.27 16.25 -8.13
N PRO A 535 -20.40 15.83 -8.71
CA PRO A 535 -20.32 14.90 -9.84
C PRO A 535 -19.77 15.54 -11.10
N ASP A 536 -20.29 16.73 -11.46
CA ASP A 536 -19.92 17.34 -12.74
C ASP A 536 -18.44 17.70 -12.77
N GLY A 537 -17.92 18.24 -11.67
CA GLY A 537 -16.54 18.67 -11.62
C GLY A 537 -16.41 20.18 -11.69
N ARG A 538 -15.33 20.66 -12.30
CA ARG A 538 -15.07 22.10 -12.42
C ARG A 538 -15.09 22.59 -13.86
N GLU A 539 -14.46 21.86 -14.79
CA GLU A 539 -14.48 22.28 -16.18
C GLU A 539 -15.90 22.30 -16.73
N ASP A 540 -16.67 21.24 -16.43
CA ASP A 540 -18.05 21.18 -16.86
C ASP A 540 -18.91 22.23 -16.16
N GLN A 541 -18.46 22.75 -15.02
CA GLN A 541 -19.27 23.72 -14.28
C GLN A 541 -19.60 24.93 -15.15
N LYS A 542 -18.72 25.30 -16.07
CA LYS A 542 -18.92 26.48 -16.89
C LYS A 542 -18.86 26.21 -18.39
N ARG A 543 -17.95 25.34 -18.84
CA ARG A 543 -17.71 25.20 -20.27
C ARG A 543 -18.73 24.29 -20.94
N LYS A 544 -18.78 23.02 -20.52
CA LYS A 544 -19.70 22.08 -21.14
C LYS A 544 -21.16 22.38 -20.79
N GLY A 545 -21.40 23.13 -19.72
CA GLY A 545 -22.74 23.47 -19.32
C GLY A 545 -22.91 24.96 -19.08
N ILE A 546 -24.05 25.34 -18.50
CA ILE A 546 -24.31 26.75 -18.21
C ILE A 546 -23.17 27.30 -17.36
N SER A 547 -22.81 28.56 -17.60
CA SER A 547 -21.74 29.22 -16.86
C SER A 547 -22.33 29.78 -15.57
N ASP A 548 -21.89 29.24 -14.43
CA ASP A 548 -22.32 29.70 -13.12
C ASP A 548 -21.20 30.51 -12.49
N LEU A 549 -21.51 31.73 -12.08
CA LEU A 549 -20.51 32.62 -11.50
C LEU A 549 -20.21 32.16 -10.08
N VAL A 550 -19.07 31.49 -9.91
CA VAL A 550 -18.72 30.97 -8.59
C VAL A 550 -18.59 32.10 -7.58
N LEU A 551 -18.09 33.26 -8.02
CA LEU A 551 -17.90 34.38 -7.11
C LEU A 551 -19.23 34.85 -6.54
N LYS A 552 -20.28 34.91 -7.36
CA LYS A 552 -21.56 35.45 -6.95
C LYS A 552 -22.72 34.49 -7.13
N GLU A 553 -22.74 33.70 -8.20
CA GLU A 553 -23.90 32.85 -8.47
C GLU A 553 -24.07 31.78 -7.40
N TYR A 554 -22.97 31.27 -6.85
CA TYR A 554 -23.07 30.13 -5.93
C TYR A 554 -23.37 30.54 -4.50
N LEU A 555 -23.21 31.81 -4.15
CA LEU A 555 -23.54 32.24 -2.80
C LEU A 555 -25.01 32.02 -2.51
N ASP A 556 -25.88 32.32 -3.49
CA ASP A 556 -27.30 32.02 -3.33
C ASP A 556 -27.54 30.52 -3.29
N ASN A 557 -26.80 29.76 -4.09
CA ASN A 557 -26.87 28.30 -4.01
C ASN A 557 -26.36 27.76 -2.69
N VAL A 558 -25.61 28.57 -1.92
CA VAL A 558 -25.07 28.16 -0.63
C VAL A 558 -25.71 29.05 0.43
N GLN A 559 -26.97 29.43 0.21
CA GLN A 559 -27.73 30.26 1.14
C GLN A 559 -28.35 29.46 2.28
N LEU A 560 -27.84 28.27 2.57
CA LEU A 560 -28.39 27.39 3.59
C LEU A 560 -27.83 27.70 4.97
N GLY A 561 -27.38 28.93 5.20
CA GLY A 561 -26.75 29.28 6.46
C GLY A 561 -25.28 28.95 6.51
N HIS A 562 -24.68 28.54 5.39
CA HIS A 562 -23.26 28.20 5.36
C HIS A 562 -22.45 29.48 5.46
N ILE A 563 -21.99 29.80 6.67
CA ILE A 563 -21.14 30.97 6.88
C ILE A 563 -19.71 30.73 6.43
N LEU A 564 -19.39 29.53 5.96
CA LEU A 564 -18.02 29.21 5.56
C LEU A 564 -17.71 29.74 4.16
N GLU A 565 -17.93 31.03 3.96
CA GLU A 565 -17.52 31.72 2.75
C GLU A 565 -16.11 32.30 2.92
N ARG A 566 -15.87 32.95 4.06
CA ARG A 566 -14.54 33.42 4.40
C ARG A 566 -13.65 32.31 4.96
N GLU A 567 -14.23 31.18 5.34
CA GLU A 567 -13.49 30.09 5.97
C GLU A 567 -12.74 29.32 4.89
N GLY A 568 -11.59 29.86 4.50
CA GLY A 568 -10.71 29.24 3.53
C GLY A 568 -10.79 29.84 2.14
N GLY A 569 -11.86 30.57 1.83
CA GLY A 569 -12.04 31.12 0.50
C GLY A 569 -12.66 30.10 -0.46
N TRP A 570 -12.97 30.58 -1.66
CA TRP A 570 -13.63 29.74 -2.65
C TRP A 570 -12.77 28.55 -3.07
N ASP A 571 -11.46 28.61 -2.86
CA ASP A 571 -10.54 27.54 -3.24
C ASP A 571 -9.61 27.26 -2.07
N SER A 572 -10.04 26.34 -1.20
CA SER A 572 -9.24 25.91 -0.06
C SER A 572 -9.16 24.40 -0.07
N VAL A 573 -7.95 23.87 -0.17
CA VAL A 573 -7.74 22.43 -0.17
C VAL A 573 -6.70 21.97 0.84
N GLN A 574 -5.77 22.83 1.28
CA GLN A 574 -4.75 22.39 2.23
C GLN A 574 -5.38 21.99 3.56
N ASP A 575 -6.47 22.64 3.96
CA ASP A 575 -7.13 22.35 5.22
C ASP A 575 -8.56 21.90 4.99
N TRP A 576 -8.77 21.02 4.02
CA TRP A 576 -10.10 20.51 3.71
C TRP A 576 -10.13 18.99 3.81
N MET A 577 -11.27 18.48 4.26
CA MET A 577 -11.53 17.06 4.41
C MET A 577 -12.98 16.93 4.87
N ASP A 578 -13.50 15.70 4.84
CA ASP A 578 -14.82 15.43 5.37
C ASP A 578 -14.80 15.18 6.87
N VAL A 579 -13.64 15.30 7.51
CA VAL A 579 -13.53 15.17 8.95
C VAL A 579 -13.44 16.53 9.63
N LEU A 580 -13.85 17.59 8.94
CA LEU A 580 -13.76 18.95 9.46
C LEU A 580 -15.09 19.69 9.50
N SER A 581 -16.07 19.30 8.68
CA SER A 581 -17.32 20.05 8.61
C SER A 581 -18.17 19.80 9.85
N GLY A 582 -18.56 18.55 10.09
CA GLY A 582 -19.40 18.23 11.22
C GLY A 582 -20.80 17.78 10.81
N GLY A 583 -21.82 18.33 11.45
CA GLY A 583 -23.18 18.02 11.08
C GLY A 583 -23.71 18.79 9.89
N GLU A 584 -22.94 19.76 9.39
CA GLU A 584 -23.32 20.54 8.23
C GLU A 584 -22.80 19.95 6.92
N LYS A 585 -22.09 18.83 6.97
CA LYS A 585 -21.63 18.17 5.75
C LYS A 585 -22.71 17.32 5.10
N GLN A 586 -23.87 17.18 5.75
CA GLN A 586 -25.02 16.56 5.12
C GLN A 586 -26.00 17.58 4.54
N ARG A 587 -26.02 18.80 5.10
CA ARG A 587 -26.76 19.89 4.49
C ARG A 587 -25.94 20.65 3.46
N MET A 588 -24.63 20.36 3.36
CA MET A 588 -23.89 20.78 2.18
C MET A 588 -24.27 19.94 0.98
N ALA A 589 -24.70 18.69 1.21
CA ALA A 589 -25.36 17.92 0.17
C ALA A 589 -26.73 18.49 -0.17
N MET A 590 -27.35 19.21 0.77
CA MET A 590 -28.59 19.92 0.46
C MET A 590 -28.31 21.14 -0.41
N ALA A 591 -27.21 21.86 -0.13
CA ALA A 591 -26.76 22.88 -1.05
C ALA A 591 -25.93 22.25 -2.16
N ARG A 592 -26.44 21.15 -2.70
CA ARG A 592 -25.93 20.51 -3.90
C ARG A 592 -27.04 20.02 -4.81
N LEU A 593 -28.28 19.91 -4.30
CA LEU A 593 -29.44 19.60 -5.10
C LEU A 593 -29.90 20.81 -5.90
N PHE A 594 -29.78 22.01 -5.32
CA PHE A 594 -30.24 23.23 -5.97
C PHE A 594 -29.37 23.62 -7.15
N TYR A 595 -28.17 23.06 -7.27
CA TYR A 595 -27.34 23.30 -8.45
C TYR A 595 -27.65 22.32 -9.57
N HIS A 596 -27.91 21.06 -9.24
CA HIS A 596 -28.27 20.09 -10.26
C HIS A 596 -29.71 20.27 -10.74
N LYS A 597 -30.59 20.72 -9.86
CA LYS A 597 -31.99 20.97 -10.19
C LYS A 597 -32.59 19.78 -10.93
N PRO A 598 -32.65 18.61 -10.29
CA PRO A 598 -33.19 17.42 -10.96
C PRO A 598 -34.70 17.48 -11.05
N GLN A 599 -35.26 16.56 -11.84
CA GLN A 599 -36.71 16.38 -11.86
C GLN A 599 -37.20 15.97 -10.47
N PHE A 600 -36.78 14.79 -10.01
CA PHE A 600 -37.08 14.31 -8.67
C PHE A 600 -35.79 14.27 -7.85
N ALA A 601 -35.91 14.60 -6.57
CA ALA A 601 -34.78 14.57 -5.63
C ALA A 601 -35.04 13.47 -4.62
N ILE A 602 -34.27 12.38 -4.72
CA ILE A 602 -34.40 11.24 -3.81
C ILE A 602 -33.33 11.42 -2.75
N LEU A 603 -33.71 12.03 -1.62
CA LEU A 603 -32.79 12.28 -0.54
C LEU A 603 -33.10 11.35 0.62
N ASP A 604 -32.05 11.01 1.39
CA ASP A 604 -32.13 9.98 2.41
C ASP A 604 -31.52 10.49 3.71
N GLN A 605 -32.25 10.33 4.81
CA GLN A 605 -31.81 10.74 6.14
C GLN A 605 -31.20 12.15 6.11
N CYS A 606 -32.06 13.11 5.77
CA CYS A 606 -31.67 14.52 5.90
C CYS A 606 -31.61 14.96 7.36
N THR A 607 -32.04 14.12 8.30
CA THR A 607 -32.07 14.46 9.71
C THR A 607 -30.67 14.74 10.23
N SER A 608 -30.57 15.12 11.50
CA SER A 608 -29.37 15.63 12.17
C SER A 608 -29.03 17.04 11.73
N ALA A 609 -29.77 17.62 10.79
CA ALA A 609 -29.70 19.06 10.56
C ALA A 609 -30.57 19.78 11.58
N VAL A 610 -30.36 21.10 11.71
CA VAL A 610 -31.07 21.85 12.74
C VAL A 610 -32.56 21.59 12.62
N SER A 611 -33.20 21.37 13.76
CA SER A 611 -34.59 20.90 13.76
C SER A 611 -35.52 21.89 13.07
N VAL A 612 -35.39 23.18 13.40
CA VAL A 612 -36.31 24.20 12.93
C VAL A 612 -35.60 25.29 12.14
N ASP A 613 -34.43 25.72 12.57
CA ASP A 613 -33.77 26.88 11.97
C ASP A 613 -33.57 26.69 10.47
N VAL A 614 -33.09 25.51 10.07
CA VAL A 614 -32.73 25.28 8.67
C VAL A 614 -33.51 24.14 8.03
N GLU A 615 -34.16 23.26 8.81
CA GLU A 615 -34.93 22.19 8.20
C GLU A 615 -36.09 22.74 7.36
N GLY A 616 -36.80 23.73 7.89
CA GLY A 616 -37.92 24.28 7.15
C GLY A 616 -37.49 25.01 5.89
N TYR A 617 -36.39 25.76 5.98
CA TYR A 617 -35.92 26.54 4.82
C TYR A 617 -35.61 25.62 3.65
N ILE A 618 -34.92 24.50 3.91
CA ILE A 618 -34.49 23.63 2.83
C ILE A 618 -35.69 23.06 2.08
N TYR A 619 -36.68 22.57 2.82
CA TYR A 619 -37.83 21.95 2.18
C TYR A 619 -38.75 22.99 1.54
N SER A 620 -38.89 24.16 2.16
CA SER A 620 -39.68 25.22 1.55
C SER A 620 -39.08 25.65 0.22
N HIS A 621 -37.76 25.81 0.17
CA HIS A 621 -37.09 26.13 -1.08
C HIS A 621 -37.21 24.99 -2.07
N CYS A 622 -37.20 23.75 -1.59
CA CYS A 622 -37.19 22.60 -2.48
C CYS A 622 -38.45 22.57 -3.35
N ARG A 623 -39.62 22.77 -2.75
CA ARG A 623 -40.86 22.72 -3.50
C ARG A 623 -41.16 24.01 -4.25
N LYS A 624 -40.46 25.10 -3.93
CA LYS A 624 -40.56 26.31 -4.75
C LYS A 624 -40.10 26.00 -6.17
N VAL A 625 -38.91 25.42 -6.30
CA VAL A 625 -38.49 24.84 -7.56
C VAL A 625 -39.21 23.51 -7.75
N GLY A 626 -39.43 23.13 -8.99
CA GLY A 626 -40.18 21.93 -9.28
C GLY A 626 -39.37 20.66 -9.16
N ILE A 627 -38.92 20.34 -7.95
CA ILE A 627 -38.20 19.09 -7.69
C ILE A 627 -39.01 18.32 -6.65
N THR A 628 -39.70 17.27 -7.10
CA THR A 628 -40.49 16.45 -6.19
C THR A 628 -39.57 15.71 -5.25
N LEU A 629 -39.87 15.77 -3.95
CA LEU A 629 -39.00 15.21 -2.92
C LEU A 629 -39.43 13.79 -2.58
N PHE A 630 -38.46 12.88 -2.58
CA PHE A 630 -38.63 11.49 -2.17
C PHE A 630 -37.70 11.28 -0.99
N THR A 631 -38.25 11.19 0.22
CA THR A 631 -37.44 11.25 1.43
C THR A 631 -37.78 10.12 2.39
N VAL A 632 -36.78 9.75 3.18
CA VAL A 632 -36.95 8.85 4.32
C VAL A 632 -36.47 9.60 5.55
N SER A 633 -37.27 9.57 6.62
CA SER A 633 -36.89 10.28 7.82
C SER A 633 -37.66 9.71 9.02
N HIS A 634 -37.05 9.85 10.19
CA HIS A 634 -37.68 9.49 11.46
C HIS A 634 -37.90 10.79 12.23
N ARG A 635 -39.01 11.45 11.93
CA ARG A 635 -39.30 12.76 12.50
C ARG A 635 -40.78 13.06 12.31
N LYS A 636 -41.25 14.10 12.98
CA LYS A 636 -42.60 14.60 12.82
C LYS A 636 -42.64 16.07 12.42
N SER A 637 -41.50 16.76 12.41
CA SER A 637 -41.46 18.18 12.08
C SER A 637 -41.34 18.44 10.59
N LEU A 638 -41.13 17.42 9.77
CA LEU A 638 -41.01 17.58 8.33
C LEU A 638 -42.15 16.91 7.57
N TRP A 639 -43.20 16.46 8.27
CA TRP A 639 -44.34 15.84 7.61
C TRP A 639 -45.32 16.85 7.04
N LYS A 640 -45.23 18.12 7.48
CA LYS A 640 -46.15 19.13 6.98
C LYS A 640 -45.99 19.31 5.47
N HIS A 641 -44.75 19.34 4.99
CA HIS A 641 -44.49 19.51 3.56
C HIS A 641 -44.28 18.15 2.87
N HIS A 642 -45.25 17.26 3.06
CA HIS A 642 -45.23 15.96 2.41
C HIS A 642 -46.67 15.48 2.26
N GLU A 643 -46.87 14.56 1.31
CA GLU A 643 -48.22 14.14 0.93
C GLU A 643 -48.51 12.67 1.27
N TYR A 644 -47.70 11.73 0.78
CA TYR A 644 -48.05 10.32 0.82
C TYR A 644 -47.24 9.56 1.86
N TYR A 645 -47.93 8.71 2.62
CA TYR A 645 -47.32 7.94 3.70
C TYR A 645 -46.30 6.94 3.18
N LEU A 646 -46.75 5.95 2.43
CA LEU A 646 -45.97 4.76 2.08
C LEU A 646 -45.15 4.30 3.28
N HIS A 647 -45.88 3.96 4.35
CA HIS A 647 -45.25 3.47 5.56
C HIS A 647 -44.67 2.07 5.33
N MET A 648 -43.53 1.81 5.97
CA MET A 648 -42.81 0.55 5.83
C MET A 648 -42.74 -0.15 7.17
N ASP A 649 -42.68 -1.48 7.13
CA ASP A 649 -42.68 -2.30 8.33
C ASP A 649 -41.69 -3.44 8.17
N GLY A 650 -41.35 -4.06 9.29
CA GLY A 650 -40.47 -5.20 9.31
C GLY A 650 -41.14 -6.53 9.07
N ARG A 651 -42.40 -6.52 8.62
CA ARG A 651 -43.15 -7.73 8.34
C ARG A 651 -43.53 -7.83 6.86
N GLY A 652 -42.77 -7.17 6.00
CA GLY A 652 -43.00 -7.26 4.57
C GLY A 652 -44.33 -6.72 4.10
N ASN A 653 -44.71 -5.53 4.57
CA ASN A 653 -45.96 -4.92 4.16
C ASN A 653 -45.80 -3.40 4.15
N TYR A 654 -46.65 -2.75 3.36
CA TYR A 654 -46.65 -1.30 3.25
C TYR A 654 -48.07 -0.83 2.96
N GLU A 655 -48.30 0.46 3.16
CA GLU A 655 -49.65 1.04 3.10
C GLU A 655 -49.81 1.98 1.90
N PHE A 656 -48.96 2.99 1.78
CA PHE A 656 -49.06 3.99 0.72
C PHE A 656 -50.39 4.73 0.77
N LYS A 657 -50.58 5.47 1.86
CA LYS A 657 -51.73 6.33 2.05
C LYS A 657 -51.30 7.79 1.95
N GLN A 658 -52.26 8.70 2.16
CA GLN A 658 -51.98 10.13 2.12
C GLN A 658 -52.11 10.74 3.52
N ARG B 65 18.10 16.82 2.69
CA ARG B 65 16.99 15.93 3.01
C ARG B 65 17.39 14.48 2.75
N ALA B 66 18.37 14.27 1.88
CA ALA B 66 18.92 12.95 1.64
C ALA B 66 20.44 12.96 1.51
N VAL B 67 21.10 14.01 2.01
CA VAL B 67 22.54 14.14 1.89
C VAL B 67 23.21 13.15 2.84
N VAL B 68 24.20 12.42 2.33
CA VAL B 68 24.95 11.46 3.14
C VAL B 68 26.04 12.23 3.87
N ASP B 69 25.88 12.40 5.17
CA ASP B 69 26.86 13.13 5.98
C ASP B 69 26.69 12.69 7.43
N LYS B 70 27.28 13.46 8.36
CA LYS B 70 27.25 13.10 9.77
C LYS B 70 25.82 12.96 10.26
N VAL B 71 24.94 13.90 9.90
CA VAL B 71 23.58 13.88 10.40
C VAL B 71 22.86 12.61 9.96
N PHE B 72 23.11 12.18 8.72
CA PHE B 72 22.49 10.96 8.23
C PHE B 72 22.97 9.76 9.03
N PHE B 73 24.26 9.70 9.34
CA PHE B 73 24.79 8.57 10.10
C PHE B 73 24.22 8.56 11.52
N SER B 74 24.07 9.74 12.13
CA SER B 74 23.43 9.79 13.45
C SER B 74 21.98 9.33 13.37
N ARG B 75 21.26 9.77 12.34
CA ARG B 75 19.85 9.39 12.19
C ARG B 75 19.69 7.92 11.80
N LEU B 76 20.75 7.28 11.32
CA LEU B 76 20.73 5.84 11.08
C LEU B 76 21.10 5.06 12.32
N ILE B 77 22.04 5.56 13.13
CA ILE B 77 22.38 4.90 14.38
C ILE B 77 21.19 4.95 15.34
N GLN B 78 20.50 6.08 15.40
CA GLN B 78 19.38 6.21 16.33
C GLN B 78 18.22 5.28 15.99
N ILE B 79 18.19 4.74 14.78
CA ILE B 79 17.16 3.78 14.39
C ILE B 79 17.71 2.37 14.36
N LEU B 80 19.03 2.21 14.25
CA LEU B 80 19.63 0.88 14.40
C LEU B 80 19.68 0.45 15.86
N LYS B 81 19.70 1.41 16.79
CA LYS B 81 19.74 1.05 18.20
C LYS B 81 18.51 0.25 18.62
N ILE B 82 17.34 0.61 18.08
CA ILE B 82 16.09 -0.07 18.45
C ILE B 82 15.96 -1.43 17.78
N MET B 83 16.98 -1.86 17.04
CA MET B 83 16.96 -3.12 16.30
C MET B 83 18.34 -3.73 16.44
N VAL B 84 18.40 -4.95 16.98
CA VAL B 84 19.56 -5.50 17.68
C VAL B 84 19.72 -4.75 19.00
N PRO B 85 18.68 -4.70 19.84
CA PRO B 85 18.76 -3.85 21.04
C PRO B 85 19.88 -4.23 21.99
N ARG B 86 20.15 -5.52 22.16
CA ARG B 86 21.07 -6.01 23.18
C ARG B 86 22.20 -6.81 22.52
N THR B 87 23.01 -7.45 23.36
CA THR B 87 24.12 -8.26 22.89
C THR B 87 23.68 -9.71 22.75
N PHE B 88 23.91 -10.28 21.57
CA PHE B 88 23.49 -11.64 21.24
C PHE B 88 22.02 -11.85 21.59
N CYS B 89 21.17 -11.07 20.93
CA CYS B 89 19.73 -11.22 21.05
C CYS B 89 19.25 -12.25 20.03
N LYS B 90 17.93 -12.31 19.82
CA LYS B 90 17.38 -13.34 18.93
C LYS B 90 17.88 -13.18 17.51
N GLU B 91 18.21 -11.97 17.09
CA GLU B 91 18.62 -11.70 15.72
C GLU B 91 20.05 -11.20 15.59
N THR B 92 20.75 -10.97 16.70
CA THR B 92 22.17 -10.64 16.62
C THR B 92 23.01 -11.85 16.22
N GLY B 93 22.44 -13.05 16.23
CA GLY B 93 23.15 -14.21 15.71
C GLY B 93 23.27 -14.23 14.21
N TYR B 94 22.55 -13.36 13.51
CA TYR B 94 22.66 -13.25 12.07
C TYR B 94 23.75 -12.26 11.64
N LEU B 95 24.06 -11.27 12.47
CA LEU B 95 25.20 -10.41 12.21
C LEU B 95 26.52 -11.17 12.38
N VAL B 96 26.49 -12.27 13.14
CA VAL B 96 27.67 -13.14 13.26
C VAL B 96 27.63 -14.24 12.21
N LEU B 97 26.45 -14.82 11.96
CA LEU B 97 26.36 -15.89 10.97
C LEU B 97 26.73 -15.40 9.59
N ILE B 98 26.26 -14.22 9.20
CA ILE B 98 26.56 -13.67 7.89
C ILE B 98 27.90 -12.95 7.93
N ALA B 99 28.60 -13.04 9.06
CA ALA B 99 29.97 -12.59 9.18
C ALA B 99 30.96 -13.75 9.22
N VAL B 100 30.47 -14.99 9.22
CA VAL B 100 31.31 -16.17 9.20
C VAL B 100 31.06 -17.03 7.97
N MET B 101 29.79 -17.24 7.62
CA MET B 101 29.45 -17.91 6.38
C MET B 101 29.58 -17.01 5.16
N LEU B 102 29.94 -15.75 5.36
CA LEU B 102 30.24 -14.82 4.28
C LEU B 102 31.73 -14.75 3.99
N VAL B 103 32.57 -14.74 5.03
CA VAL B 103 34.02 -14.81 4.81
C VAL B 103 34.40 -16.19 4.29
N SER B 104 33.75 -17.24 4.79
CA SER B 104 33.98 -18.58 4.26
C SER B 104 33.72 -18.65 2.77
N ARG B 105 32.85 -17.77 2.25
CA ARG B 105 32.60 -17.74 0.82
C ARG B 105 33.77 -17.12 0.07
N THR B 106 34.35 -16.05 0.61
CA THR B 106 35.45 -15.37 -0.05
C THR B 106 36.78 -16.11 0.10
N TYR B 107 36.87 -17.09 1.00
CA TYR B 107 37.94 -18.07 0.92
C TYR B 107 37.61 -19.17 -0.06
N CYS B 108 36.33 -19.40 -0.33
CA CYS B 108 35.88 -20.44 -1.23
C CYS B 108 35.78 -19.97 -2.68
N ASP B 109 35.92 -18.67 -2.94
CA ASP B 109 35.94 -18.20 -4.32
C ASP B 109 37.34 -18.17 -4.89
N VAL B 110 38.34 -17.83 -4.07
CA VAL B 110 39.73 -17.97 -4.51
C VAL B 110 40.05 -19.45 -4.71
N TRP B 111 39.50 -20.31 -3.85
CA TRP B 111 39.64 -21.75 -4.07
C TRP B 111 38.95 -22.18 -5.35
N MET B 112 37.86 -21.50 -5.72
CA MET B 112 37.20 -21.81 -6.99
C MET B 112 38.13 -21.54 -8.16
N ILE B 113 38.82 -20.39 -8.13
CA ILE B 113 39.79 -20.08 -9.19
C ILE B 113 41.00 -20.98 -9.08
N GLN B 114 41.51 -21.19 -7.85
CA GLN B 114 42.71 -21.99 -7.69
C GLN B 114 42.53 -23.38 -8.28
N ASN B 115 41.40 -24.04 -8.00
CA ASN B 115 41.08 -25.26 -8.71
C ASN B 115 40.76 -24.98 -10.17
N GLY B 116 40.26 -23.77 -10.47
CA GLY B 116 39.97 -23.42 -11.84
C GLY B 116 41.22 -23.32 -12.70
N THR B 117 42.29 -22.74 -12.16
CA THR B 117 43.54 -22.61 -12.89
C THR B 117 44.42 -23.85 -12.79
N LEU B 118 44.03 -24.85 -12.00
CA LEU B 118 44.80 -26.07 -11.84
C LEU B 118 44.09 -27.29 -12.41
N ILE B 119 42.96 -27.11 -13.06
CA ILE B 119 42.21 -28.22 -13.66
C ILE B 119 42.45 -28.30 -15.15
N GLU B 120 42.30 -27.19 -15.87
CA GLU B 120 42.58 -27.21 -17.31
C GLU B 120 44.04 -27.56 -17.55
N SER B 121 44.95 -27.00 -16.74
CA SER B 121 46.36 -27.36 -16.84
C SER B 121 46.55 -28.85 -16.67
N GLY B 122 45.74 -29.48 -15.81
CA GLY B 122 45.80 -30.92 -15.70
C GLY B 122 45.50 -31.62 -17.00
N ILE B 123 44.44 -31.18 -17.69
CA ILE B 123 44.12 -31.72 -19.03
C ILE B 123 44.82 -30.78 -20.02
N ILE B 124 46.12 -31.00 -20.19
CA ILE B 124 46.89 -30.37 -21.26
C ILE B 124 47.63 -31.48 -21.98
N GLY B 125 48.41 -32.26 -21.22
CA GLY B 125 49.05 -33.44 -21.76
C GLY B 125 48.11 -34.63 -21.77
N ARG B 126 48.68 -35.77 -22.15
CA ARG B 126 47.92 -37.02 -22.22
C ARG B 126 47.77 -37.63 -20.82
N SER B 127 47.14 -36.86 -19.94
CA SER B 127 46.96 -37.23 -18.54
C SER B 127 45.47 -37.33 -18.24
N ARG B 128 45.04 -38.50 -17.79
CA ARG B 128 43.66 -38.74 -17.40
C ARG B 128 43.45 -38.67 -15.89
N LYS B 129 44.38 -39.22 -15.11
CA LYS B 129 44.23 -39.19 -13.66
C LYS B 129 44.49 -37.80 -13.09
N ASP B 130 45.31 -37.00 -13.78
CA ASP B 130 45.52 -35.63 -13.34
C ASP B 130 44.29 -34.75 -13.53
N PHE B 131 43.28 -35.24 -14.24
CA PHE B 131 42.01 -34.54 -14.39
C PHE B 131 40.85 -35.32 -13.80
N LYS B 132 40.74 -36.62 -14.11
CA LYS B 132 39.64 -37.42 -13.60
C LYS B 132 39.61 -37.40 -12.08
N ARG B 133 40.66 -37.94 -11.45
CA ARG B 133 40.73 -37.93 -10.00
C ARG B 133 40.84 -36.51 -9.46
N TYR B 134 41.59 -35.65 -10.16
CA TYR B 134 41.77 -34.28 -9.69
C TYR B 134 40.44 -33.53 -9.65
N LEU B 135 39.61 -33.72 -10.67
CA LEU B 135 38.31 -33.04 -10.71
C LEU B 135 37.40 -33.49 -9.59
N LEU B 136 37.60 -34.69 -9.05
CA LEU B 136 36.67 -35.23 -8.07
C LEU B 136 36.51 -34.29 -6.88
N ASN B 137 37.61 -33.70 -6.41
CA ASN B 137 37.53 -32.81 -5.26
C ASN B 137 36.53 -31.69 -5.51
N PHE B 138 36.49 -31.16 -6.73
CA PHE B 138 35.52 -30.11 -7.05
C PHE B 138 34.10 -30.61 -6.82
N ILE B 139 33.79 -31.82 -7.30
CA ILE B 139 32.47 -32.39 -7.08
C ILE B 139 32.26 -32.64 -5.59
N ALA B 140 33.33 -32.87 -4.84
CA ALA B 140 33.20 -33.07 -3.40
C ALA B 140 32.96 -31.75 -2.66
N ALA B 141 33.49 -30.65 -3.17
CA ALA B 141 33.33 -29.34 -2.54
C ALA B 141 32.08 -28.61 -3.03
N MET B 142 31.38 -29.15 -4.02
CA MET B 142 30.14 -28.51 -4.47
C MET B 142 29.11 -28.40 -3.36
N PRO B 143 28.79 -29.48 -2.64
CA PRO B 143 27.79 -29.34 -1.55
C PRO B 143 28.17 -28.26 -0.54
N LEU B 144 29.43 -28.25 -0.09
CA LEU B 144 29.84 -27.26 0.90
C LEU B 144 29.77 -25.85 0.32
N ILE B 145 30.19 -25.69 -0.94
CA ILE B 145 30.18 -24.37 -1.56
C ILE B 145 28.75 -23.83 -1.65
N SER B 146 27.85 -24.65 -2.18
CA SER B 146 26.46 -24.21 -2.32
C SER B 146 25.83 -23.98 -0.96
N LEU B 147 26.16 -24.82 0.02
CA LEU B 147 25.64 -24.61 1.37
C LEU B 147 26.09 -23.27 1.92
N VAL B 148 27.35 -22.92 1.72
CA VAL B 148 27.85 -21.63 2.20
C VAL B 148 27.11 -20.49 1.52
N ASN B 149 26.97 -20.57 0.20
CA ASN B 149 26.30 -19.50 -0.54
C ASN B 149 24.87 -19.31 -0.04
N ASN B 150 24.11 -20.40 0.01
CA ASN B 150 22.70 -20.28 0.39
C ASN B 150 22.53 -19.99 1.87
N PHE B 151 23.49 -20.38 2.70
CA PHE B 151 23.44 -19.98 4.11
C PHE B 151 23.62 -18.49 4.24
N LEU B 152 24.53 -17.91 3.46
CA LEU B 152 24.65 -16.45 3.45
C LEU B 152 23.34 -15.81 2.98
N LYS B 153 22.73 -16.37 1.94
CA LYS B 153 21.48 -15.81 1.43
C LYS B 153 20.39 -15.85 2.49
N TYR B 154 20.21 -17.01 3.13
CA TYR B 154 19.19 -17.14 4.15
C TYR B 154 19.47 -16.23 5.33
N GLY B 155 20.74 -16.15 5.76
CA GLY B 155 21.08 -15.24 6.82
C GLY B 155 20.70 -13.80 6.49
N LEU B 156 20.99 -13.38 5.25
CA LEU B 156 20.68 -12.01 4.86
C LEU B 156 19.18 -11.75 4.91
N ASN B 157 18.39 -12.61 4.27
CA ASN B 157 16.95 -12.32 4.22
C ASN B 157 16.29 -12.50 5.59
N GLU B 158 16.75 -13.45 6.39
CA GLU B 158 16.23 -13.58 7.75
C GLU B 158 16.59 -12.36 8.59
N LEU B 159 17.81 -11.82 8.40
CA LEU B 159 18.18 -10.63 9.13
C LEU B 159 17.31 -9.45 8.74
N LYS B 160 17.02 -9.29 7.45
CA LYS B 160 16.16 -8.19 7.05
C LYS B 160 14.75 -8.37 7.59
N LEU B 161 14.23 -9.59 7.59
CA LEU B 161 12.91 -9.82 8.16
C LEU B 161 12.88 -9.51 9.65
N CYS B 162 13.89 -9.94 10.40
CA CYS B 162 13.93 -9.64 11.83
C CYS B 162 14.05 -8.15 12.08
N PHE B 163 14.88 -7.46 11.30
CA PHE B 163 14.97 -6.01 11.40
C PHE B 163 13.60 -5.38 11.22
N ARG B 164 12.87 -5.82 10.18
CA ARG B 164 11.54 -5.28 9.94
C ARG B 164 10.62 -5.54 11.11
N VAL B 165 10.67 -6.75 11.65
CA VAL B 165 9.77 -7.09 12.75
C VAL B 165 10.02 -6.19 13.96
N ARG B 166 11.29 -6.04 14.32
CA ARG B 166 11.60 -5.21 15.50
C ARG B 166 11.21 -3.76 15.26
N LEU B 167 11.51 -3.22 14.07
CA LEU B 167 11.19 -1.83 13.80
C LEU B 167 9.68 -1.62 13.82
N THR B 168 8.92 -2.52 13.21
CA THR B 168 7.47 -2.41 13.20
C THR B 168 6.90 -2.49 14.60
N LYS B 169 7.39 -3.42 15.42
CA LYS B 169 6.90 -3.54 16.78
C LYS B 169 7.15 -2.25 17.57
N TYR B 170 8.36 -1.70 17.45
CA TYR B 170 8.65 -0.45 18.16
C TYR B 170 7.73 0.66 17.69
N LEU B 171 7.61 0.83 16.37
CA LEU B 171 6.79 1.92 15.85
C LEU B 171 5.34 1.79 16.30
N TYR B 172 4.80 0.58 16.27
CA TYR B 172 3.40 0.39 16.67
C TYR B 172 3.23 0.66 18.16
N GLU B 173 4.08 0.07 19.01
CA GLU B 173 3.93 0.30 20.43
C GLU B 173 4.08 1.78 20.76
N GLU B 174 4.80 2.53 19.93
CA GLU B 174 4.93 3.98 20.10
C GLU B 174 3.84 4.76 19.38
N TYR B 175 3.01 4.09 18.58
CA TYR B 175 2.06 4.76 17.70
C TYR B 175 0.61 4.56 18.09
N LEU B 176 0.30 3.58 18.93
CA LEU B 176 -1.04 3.34 19.42
C LEU B 176 -1.12 3.45 20.94
N GLN B 177 -0.11 4.04 21.58
CA GLN B 177 -0.05 4.06 23.03
C GLN B 177 -1.03 5.05 23.65
N ALA B 178 -1.48 6.04 22.90
CA ALA B 178 -2.42 7.04 23.42
C ALA B 178 -3.27 7.51 22.25
N PHE B 179 -3.96 8.64 22.42
CA PHE B 179 -4.69 9.27 21.32
C PHE B 179 -3.70 10.00 20.40
N THR B 180 -2.76 9.22 19.86
CA THR B 180 -1.75 9.73 18.95
C THR B 180 -1.96 9.25 17.52
N TYR B 181 -2.59 8.09 17.32
CA TYR B 181 -3.07 7.72 16.01
C TYR B 181 -4.14 8.68 15.50
N TYR B 182 -4.77 9.43 16.40
CA TYR B 182 -5.73 10.46 16.03
C TYR B 182 -5.06 11.81 15.83
N LYS B 183 -4.17 12.21 16.75
CA LYS B 183 -3.52 13.50 16.64
C LYS B 183 -2.71 13.59 15.35
N MET B 184 -1.98 12.53 15.00
CA MET B 184 -1.28 12.48 13.73
C MET B 184 -2.30 12.48 12.60
N GLY B 185 -2.41 13.60 11.90
CA GLY B 185 -3.49 13.76 10.94
C GLY B 185 -4.48 14.83 11.36
N ASN B 186 -5.64 14.40 11.85
CA ASN B 186 -6.74 15.33 12.10
C ASN B 186 -6.31 16.52 12.96
N LEU B 187 -5.40 16.30 13.91
CA LEU B 187 -4.94 17.40 14.76
C LEU B 187 -3.69 18.06 14.19
N ASP B 188 -2.71 17.27 13.76
CA ASP B 188 -1.45 17.78 13.23
C ASP B 188 -1.26 17.34 11.79
N ASN B 189 -0.76 18.25 10.97
CA ASN B 189 -0.46 17.98 9.56
C ASN B 189 1.04 18.18 9.36
N ARG B 190 1.81 17.14 9.69
CA ARG B 190 3.26 17.16 9.51
C ARG B 190 3.68 15.96 8.67
N ILE B 191 2.96 14.85 8.82
CA ILE B 191 3.19 13.63 8.05
C ILE B 191 1.90 13.30 7.33
N ALA B 192 1.99 13.04 6.03
CA ALA B 192 0.83 12.74 5.21
C ALA B 192 0.76 11.25 4.92
N ASN B 193 -0.40 10.65 5.14
CA ASN B 193 -0.64 9.25 4.87
C ASN B 193 0.30 8.39 5.72
N PRO B 194 0.13 8.38 7.04
CA PRO B 194 1.00 7.53 7.88
C PRO B 194 0.72 6.05 7.75
N ASP B 195 -0.35 5.65 7.06
CA ASP B 195 -0.62 4.24 6.87
C ASP B 195 0.35 3.58 5.90
N GLN B 196 1.16 4.37 5.19
CA GLN B 196 2.16 3.84 4.28
C GLN B 196 3.58 4.03 4.78
N LEU B 197 3.82 5.01 5.65
CA LEU B 197 5.17 5.26 6.14
C LEU B 197 5.62 4.19 7.12
N LEU B 198 4.69 3.42 7.69
CA LEU B 198 5.02 2.37 8.64
C LEU B 198 4.50 1.00 8.20
N THR B 199 4.11 0.88 6.94
CA THR B 199 3.71 -0.41 6.37
C THR B 199 4.49 -0.75 5.11
N GLN B 200 4.83 0.23 4.28
CA GLN B 200 5.63 0.02 3.08
C GLN B 200 7.00 0.66 3.16
N ASP B 201 7.14 1.74 3.93
CA ASP B 201 8.46 2.36 4.07
C ASP B 201 9.36 1.55 4.99
N VAL B 202 8.78 0.93 6.02
CA VAL B 202 9.58 0.13 6.93
C VAL B 202 10.16 -1.09 6.22
N GLU B 203 9.35 -1.75 5.39
CA GLU B 203 9.83 -2.91 4.65
C GLU B 203 10.98 -2.52 3.73
N LYS B 204 10.82 -1.42 2.99
CA LYS B 204 11.87 -1.00 2.08
C LYS B 204 13.13 -0.57 2.82
N PHE B 205 12.96 0.10 3.96
CA PHE B 205 14.13 0.49 4.74
C PHE B 205 14.88 -0.73 5.25
N CYS B 206 14.16 -1.74 5.76
CA CYS B 206 14.82 -2.95 6.22
C CYS B 206 15.53 -3.64 5.07
N ASN B 207 14.88 -3.72 3.91
CA ASN B 207 15.51 -4.35 2.76
C ASN B 207 16.79 -3.62 2.34
N SER B 208 16.75 -2.29 2.36
CA SER B 208 17.90 -1.51 1.89
C SER B 208 19.04 -1.54 2.90
N VAL B 209 18.74 -1.41 4.18
CA VAL B 209 19.80 -1.30 5.19
C VAL B 209 20.67 -2.54 5.18
N VAL B 210 20.07 -3.72 5.00
CA VAL B 210 20.86 -4.92 4.95
C VAL B 210 21.58 -5.04 3.62
N ASP B 211 20.97 -4.54 2.54
CA ASP B 211 21.60 -4.58 1.23
C ASP B 211 22.76 -3.61 1.10
N LEU B 212 22.88 -2.63 2.00
CA LEU B 212 24.15 -1.95 2.17
C LEU B 212 25.15 -2.82 2.90
N TYR B 213 24.67 -3.86 3.58
CA TYR B 213 25.48 -4.99 3.99
C TYR B 213 25.48 -6.03 2.88
N SER B 214 26.52 -6.85 2.84
CA SER B 214 26.75 -7.77 1.73
C SER B 214 27.03 -7.05 0.43
N ASN B 215 27.12 -5.72 0.47
CA ASN B 215 27.44 -4.90 -0.69
C ASN B 215 28.00 -3.60 -0.11
N LEU B 216 29.28 -3.35 -0.32
CA LEU B 216 30.12 -2.44 0.47
C LEU B 216 30.64 -3.16 1.70
N SER B 217 30.26 -4.42 1.93
CA SER B 217 30.88 -5.23 2.97
C SER B 217 31.32 -6.57 2.38
N LYS B 218 30.57 -7.07 1.40
CA LYS B 218 31.02 -8.27 0.69
C LYS B 218 32.32 -8.02 -0.06
N PRO B 219 32.46 -6.96 -0.87
CA PRO B 219 33.77 -6.63 -1.41
C PRO B 219 34.59 -5.76 -0.46
N PHE B 220 34.57 -6.11 0.83
CA PHE B 220 35.45 -5.50 1.82
C PHE B 220 36.42 -6.51 2.39
N LEU B 221 35.95 -7.70 2.73
CA LEU B 221 36.86 -8.82 2.99
C LEU B 221 37.19 -9.54 1.69
N ASP B 222 37.55 -8.72 0.70
CA ASP B 222 38.19 -9.17 -0.53
C ASP B 222 39.40 -8.32 -0.88
N ILE B 223 39.47 -7.08 -0.41
CA ILE B 223 40.69 -6.29 -0.53
C ILE B 223 41.72 -6.74 0.49
N VAL B 224 41.29 -6.90 1.75
CA VAL B 224 42.19 -7.39 2.78
C VAL B 224 42.62 -8.82 2.48
N LEU B 225 41.69 -9.66 2.05
CA LEU B 225 42.04 -11.06 1.75
C LEU B 225 43.06 -11.12 0.63
N TYR B 226 42.85 -10.34 -0.44
CA TYR B 226 43.85 -10.26 -1.50
C TYR B 226 45.12 -9.60 -1.01
N ILE B 227 44.99 -8.57 -0.16
CA ILE B 227 46.17 -7.92 0.40
C ILE B 227 46.97 -8.92 1.23
N PHE B 228 46.31 -9.95 1.76
CA PHE B 228 47.04 -10.99 2.49
C PHE B 228 48.14 -11.58 1.63
N LYS B 229 47.84 -11.88 0.37
CA LYS B 229 48.86 -12.40 -0.53
C LYS B 229 49.95 -11.35 -0.78
N LEU B 230 49.56 -10.11 -0.99
CA LEU B 230 50.52 -9.03 -1.25
C LEU B 230 51.00 -8.41 0.06
N ALA B 240 54.83 -1.51 -4.06
CA ALA B 240 54.33 -0.16 -3.84
C ALA B 240 52.99 0.03 -4.54
N SER B 241 51.91 -0.11 -3.78
CA SER B 241 50.54 -0.01 -4.30
C SER B 241 49.85 1.17 -3.62
N MET B 242 49.92 2.33 -4.25
CA MET B 242 49.24 3.54 -3.77
C MET B 242 48.00 3.84 -4.59
N MET B 243 47.34 2.79 -5.09
CA MET B 243 46.15 2.95 -5.93
C MET B 243 44.91 3.19 -5.08
N ALA B 244 44.99 4.15 -4.16
CA ALA B 244 43.84 4.54 -3.35
C ALA B 244 43.07 5.67 -4.03
N TYR B 245 42.55 5.36 -5.21
CA TYR B 245 41.81 6.34 -5.99
C TYR B 245 40.36 6.45 -5.54
N LEU B 246 39.94 5.67 -4.55
CA LEU B 246 38.62 5.89 -3.96
C LEU B 246 38.51 7.25 -3.29
N VAL B 247 39.63 7.88 -2.93
CA VAL B 247 39.56 9.21 -2.34
C VAL B 247 38.96 10.20 -3.33
N VAL B 248 39.37 10.11 -4.60
CA VAL B 248 38.85 11.03 -5.61
C VAL B 248 37.61 10.51 -6.31
N SER B 249 37.31 9.21 -6.19
CA SER B 249 36.10 8.64 -6.77
C SER B 249 34.97 8.49 -5.76
N GLY B 250 35.19 8.89 -4.51
CA GLY B 250 34.14 8.92 -3.51
C GLY B 250 33.62 10.33 -3.33
N LEU B 251 34.52 11.29 -3.17
CA LEU B 251 34.10 12.68 -3.15
C LEU B 251 33.45 13.06 -4.47
N PHE B 252 34.02 12.61 -5.58
CA PHE B 252 33.31 12.56 -6.85
C PHE B 252 32.54 11.25 -6.94
N LEU B 253 31.51 11.24 -7.78
CA LEU B 253 30.64 10.09 -7.95
C LEU B 253 29.69 9.97 -6.77
N THR B 254 29.94 10.76 -5.73
CA THR B 254 28.98 11.09 -4.69
C THR B 254 29.00 12.60 -4.56
N ARG B 255 27.89 13.16 -4.05
CA ARG B 255 27.53 14.57 -4.23
C ARG B 255 27.11 14.83 -5.67
N LEU B 256 27.25 13.84 -6.56
CA LEU B 256 26.64 13.84 -7.87
C LEU B 256 25.42 12.95 -7.94
N ARG B 257 25.13 12.20 -6.87
CA ARG B 257 23.97 11.31 -6.80
C ARG B 257 22.93 11.80 -5.80
N ARG B 258 23.09 13.01 -5.27
CA ARG B 258 22.12 13.54 -4.32
C ARG B 258 20.69 13.51 -4.85
N PRO B 259 20.42 13.83 -6.11
CA PRO B 259 19.03 13.81 -6.59
C PRO B 259 18.34 12.48 -6.39
N ILE B 260 19.05 11.36 -6.47
CA ILE B 260 18.42 10.07 -6.24
C ILE B 260 17.83 10.02 -4.84
N GLY B 261 18.63 10.40 -3.84
CA GLY B 261 18.13 10.42 -2.48
C GLY B 261 17.01 11.43 -2.28
N LYS B 262 17.13 12.60 -2.91
CA LYS B 262 16.11 13.62 -2.75
C LYS B 262 14.77 13.14 -3.29
N MET B 263 14.77 12.49 -4.46
CA MET B 263 13.54 12.19 -5.16
C MET B 263 13.01 10.78 -4.90
N THR B 264 13.78 9.91 -4.22
CA THR B 264 13.16 8.69 -3.73
C THR B 264 12.08 9.01 -2.71
N ILE B 265 12.31 10.05 -1.90
CA ILE B 265 11.31 10.48 -0.92
C ILE B 265 10.03 10.88 -1.63
N THR B 266 10.15 11.70 -2.69
CA THR B 266 8.95 12.17 -3.37
C THR B 266 8.28 11.07 -4.18
N GLU B 267 9.06 10.12 -4.70
CA GLU B 267 8.44 8.96 -5.33
C GLU B 267 7.61 8.18 -4.32
N GLN B 268 8.15 7.98 -3.12
CA GLN B 268 7.39 7.30 -2.08
C GLN B 268 6.14 8.09 -1.72
N LYS B 269 6.26 9.42 -1.64
CA LYS B 269 5.11 10.25 -1.31
C LYS B 269 4.01 10.10 -2.35
N TYR B 270 4.37 10.16 -3.63
CA TYR B 270 3.37 10.02 -4.68
C TYR B 270 2.75 8.64 -4.68
N GLU B 271 3.56 7.60 -4.46
CA GLU B 271 3.01 6.25 -4.37
C GLU B 271 2.00 6.15 -3.23
N GLY B 272 2.35 6.72 -2.07
CA GLY B 272 1.43 6.71 -0.95
C GLY B 272 0.14 7.45 -1.23
N GLU B 273 0.25 8.62 -1.88
CA GLU B 273 -0.95 9.38 -2.21
C GLU B 273 -1.83 8.62 -3.18
N TYR B 274 -1.24 7.97 -4.18
CA TYR B 274 -2.02 7.18 -5.12
C TYR B 274 -2.75 6.05 -4.40
N ARG B 275 -2.03 5.32 -3.56
CA ARG B 275 -2.65 4.22 -2.82
C ARG B 275 -3.75 4.72 -1.90
N TYR B 276 -3.53 5.87 -1.27
CA TYR B 276 -4.53 6.43 -0.37
C TYR B 276 -5.78 6.87 -1.13
N VAL B 277 -5.60 7.43 -2.32
CA VAL B 277 -6.76 7.79 -3.14
C VAL B 277 -7.56 6.54 -3.48
N ASN B 278 -6.88 5.46 -3.88
CA ASN B 278 -7.60 4.22 -4.16
C ASN B 278 -8.33 3.71 -2.92
N SER B 279 -7.66 3.74 -1.77
CA SER B 279 -8.28 3.23 -0.54
C SER B 279 -9.49 4.07 -0.16
N ARG B 280 -9.39 5.39 -0.30
CA ARG B 280 -10.51 6.26 0.01
C ARG B 280 -11.68 6.00 -0.95
N LEU B 281 -11.38 5.77 -2.22
CA LEU B 281 -12.43 5.42 -3.16
C LEU B 281 -13.13 4.13 -2.73
N ILE B 282 -12.36 3.13 -2.29
CA ILE B 282 -12.95 1.87 -1.88
C ILE B 282 -13.79 2.06 -0.61
N THR B 283 -13.30 2.85 0.34
CA THR B 283 -13.94 2.99 1.64
C THR B 283 -15.38 3.48 1.47
N ASN B 284 -15.55 4.69 0.96
CA ASN B 284 -16.88 5.24 0.71
C ASN B 284 -17.25 5.03 -0.76
N SER B 285 -17.40 3.76 -1.11
CA SER B 285 -17.72 3.35 -2.46
C SER B 285 -19.22 3.29 -2.71
N GLU B 286 -20.04 3.56 -1.70
CA GLU B 286 -21.49 3.62 -1.85
C GLU B 286 -21.99 5.04 -2.06
N GLU B 287 -21.47 6.00 -1.27
CA GLU B 287 -21.82 7.39 -1.51
C GLU B 287 -21.39 7.83 -2.90
N ILE B 288 -20.18 7.44 -3.32
CA ILE B 288 -19.72 7.78 -4.66
C ILE B 288 -20.62 7.13 -5.70
N ALA B 289 -21.05 5.89 -5.45
CA ALA B 289 -21.92 5.21 -6.39
C ALA B 289 -23.25 5.94 -6.55
N PHE B 290 -23.83 6.41 -5.44
CA PHE B 290 -25.11 7.10 -5.51
C PHE B 290 -24.99 8.40 -6.29
N TYR B 291 -23.92 9.16 -6.07
CA TYR B 291 -23.73 10.43 -6.75
C TYR B 291 -23.38 10.26 -8.23
N ASN B 292 -23.12 9.04 -8.68
CA ASN B 292 -22.72 8.80 -10.07
C ASN B 292 -21.43 9.56 -10.41
N GLY B 293 -20.48 9.53 -9.48
CA GLY B 293 -19.24 10.26 -9.64
C GLY B 293 -18.12 9.42 -10.23
N ASN B 294 -18.48 8.51 -11.14
CA ASN B 294 -17.45 7.69 -11.78
C ASN B 294 -16.45 8.57 -12.53
N LYS B 295 -16.96 9.48 -13.37
CA LYS B 295 -16.07 10.31 -14.19
C LYS B 295 -15.19 11.20 -13.32
N ARG B 296 -15.79 11.84 -12.31
CA ARG B 296 -15.02 12.75 -11.47
C ARG B 296 -13.95 12.00 -10.68
N GLU B 297 -14.30 10.82 -10.15
CA GLU B 297 -13.31 10.04 -9.41
C GLU B 297 -12.20 9.55 -10.33
N LYS B 298 -12.55 9.13 -11.54
CA LYS B 298 -11.52 8.73 -12.50
C LYS B 298 -10.58 9.89 -12.79
N GLN B 299 -11.14 11.08 -12.98
CA GLN B 299 -10.30 12.24 -13.25
C GLN B 299 -9.38 12.54 -12.07
N THR B 300 -9.92 12.55 -10.86
CA THR B 300 -9.12 12.91 -9.70
C THR B 300 -8.11 11.83 -9.33
N VAL B 301 -8.29 10.61 -9.82
CA VAL B 301 -7.28 9.58 -9.61
C VAL B 301 -6.22 9.62 -10.68
N HIS B 302 -6.61 9.82 -11.95
CA HIS B 302 -5.62 9.97 -13.01
C HIS B 302 -4.78 11.22 -12.79
N SER B 303 -5.32 12.22 -12.10
CA SER B 303 -4.53 13.42 -11.83
C SER B 303 -3.31 13.09 -10.98
N VAL B 304 -3.47 12.20 -9.99
CA VAL B 304 -2.35 11.83 -9.14
C VAL B 304 -1.54 10.68 -9.71
N PHE B 305 -2.12 9.84 -10.56
CA PHE B 305 -1.34 8.80 -11.22
C PHE B 305 -0.41 9.39 -12.26
N ARG B 306 -0.94 10.29 -13.12
CA ARG B 306 -0.09 10.95 -14.09
C ARG B 306 0.92 11.88 -13.43
N LYS B 307 0.64 12.36 -12.22
CA LYS B 307 1.62 13.10 -11.44
C LYS B 307 2.72 12.21 -10.90
N LEU B 308 2.54 10.89 -10.94
CA LEU B 308 3.53 9.95 -10.44
C LEU B 308 4.46 9.47 -11.56
N VAL B 309 3.88 8.88 -12.62
CA VAL B 309 4.69 8.35 -13.70
C VAL B 309 5.45 9.46 -14.39
N GLU B 310 4.86 10.64 -14.50
CA GLU B 310 5.59 11.78 -15.06
C GLU B 310 6.87 12.04 -14.27
N HIS B 311 6.80 11.89 -12.94
CA HIS B 311 7.99 12.07 -12.12
C HIS B 311 8.94 10.89 -12.25
N LEU B 312 8.39 9.66 -12.29
CA LEU B 312 9.26 8.51 -12.47
C LEU B 312 10.06 8.61 -13.75
N HIS B 313 9.50 9.25 -14.77
CA HIS B 313 10.26 9.44 -16.02
C HIS B 313 11.50 10.29 -15.79
N ASN B 314 11.37 11.34 -14.98
CA ASN B 314 12.54 12.13 -14.62
C ASN B 314 13.50 11.32 -13.77
N PHE B 315 12.97 10.57 -12.79
CA PHE B 315 13.81 9.71 -11.96
C PHE B 315 14.48 8.63 -12.80
N ILE B 316 13.74 8.00 -13.70
CA ILE B 316 14.28 6.91 -14.49
C ILE B 316 15.32 7.42 -15.48
N LEU B 317 15.11 8.61 -16.04
CA LEU B 317 16.07 9.19 -16.96
C LEU B 317 17.28 9.76 -16.24
N PHE B 318 17.16 10.08 -14.95
CA PHE B 318 18.33 10.54 -14.20
C PHE B 318 19.26 9.37 -13.89
N ARG B 319 18.70 8.19 -13.61
CA ARG B 319 19.54 7.04 -13.35
C ARG B 319 20.36 6.65 -14.58
N PHE B 320 19.87 6.98 -15.77
CA PHE B 320 20.67 6.78 -16.98
C PHE B 320 21.86 7.73 -17.01
N SER B 321 21.61 9.02 -16.76
CA SER B 321 22.71 9.97 -16.69
C SER B 321 23.68 9.63 -15.57
N MET B 322 23.23 8.87 -14.58
CA MET B 322 24.11 8.46 -13.48
C MET B 322 24.95 7.26 -13.88
N GLY B 323 24.31 6.24 -14.47
CA GLY B 323 25.04 5.05 -14.86
C GLY B 323 26.15 5.35 -15.83
N PHE B 324 25.98 6.36 -16.68
CA PHE B 324 27.02 6.71 -17.64
C PHE B 324 28.31 7.09 -16.92
N ILE B 325 28.21 7.92 -15.88
CA ILE B 325 29.39 8.28 -15.12
C ILE B 325 29.71 7.23 -14.06
N ASP B 326 28.74 6.42 -13.68
CA ASP B 326 28.95 5.36 -12.70
C ASP B 326 29.51 4.09 -13.33
N SER B 327 29.69 4.06 -14.65
CA SER B 327 30.22 2.89 -15.35
C SER B 327 31.46 3.22 -16.17
N ILE B 328 31.98 4.45 -16.08
CA ILE B 328 33.26 4.81 -16.65
C ILE B 328 34.21 5.38 -15.60
N ILE B 329 33.85 5.27 -14.32
CA ILE B 329 34.73 5.67 -13.23
C ILE B 329 34.77 4.56 -12.19
N ALA B 330 33.86 3.60 -12.30
CA ALA B 330 33.77 2.50 -11.35
C ALA B 330 34.00 1.14 -11.97
N LYS B 331 33.27 0.80 -13.03
CA LYS B 331 33.25 -0.57 -13.54
C LYS B 331 34.26 -0.81 -14.66
N TYR B 332 34.64 0.22 -15.41
CA TYR B 332 35.57 0.06 -16.52
C TYR B 332 36.87 0.81 -16.31
N LEU B 333 36.82 2.07 -15.90
CA LEU B 333 38.05 2.79 -15.63
C LEU B 333 38.82 2.19 -14.46
N ALA B 334 38.15 1.37 -13.63
CA ALA B 334 38.86 0.68 -12.57
C ALA B 334 39.89 -0.29 -13.13
N THR B 335 39.52 -1.05 -14.16
CA THR B 335 40.46 -1.99 -14.75
C THR B 335 41.61 -1.27 -15.45
N VAL B 336 41.36 -0.05 -15.95
CA VAL B 336 42.42 0.69 -16.63
C VAL B 336 43.51 1.07 -15.63
N VAL B 337 43.11 1.62 -14.47
CA VAL B 337 44.09 1.95 -13.45
C VAL B 337 44.76 0.69 -12.92
N GLY B 338 44.02 -0.41 -12.83
CA GLY B 338 44.62 -1.66 -12.39
C GLY B 338 45.72 -2.13 -13.33
N TYR B 339 45.45 -2.09 -14.63
CA TYR B 339 46.48 -2.43 -15.61
C TYR B 339 47.65 -1.46 -15.52
N LEU B 340 47.36 -0.17 -15.30
CA LEU B 340 48.42 0.82 -15.22
C LEU B 340 49.35 0.55 -14.04
N VAL B 341 48.78 0.18 -12.89
CA VAL B 341 49.60 0.01 -11.69
C VAL B 341 50.30 -1.35 -11.71
N VAL B 342 49.60 -2.40 -12.13
CA VAL B 342 50.17 -3.75 -12.08
C VAL B 342 51.41 -3.83 -12.94
N SER B 343 51.44 -3.10 -14.05
CA SER B 343 52.54 -3.15 -15.00
C SER B 343 53.52 -2.01 -14.80
N ARG B 344 53.72 -1.58 -13.56
CA ARG B 344 54.77 -0.60 -13.26
C ARG B 344 56.12 -1.29 -13.26
N PRO B 345 56.27 -2.47 -12.58
CA PRO B 345 57.54 -3.20 -12.61
C PRO B 345 57.62 -4.21 -13.76
N PHE B 346 57.36 -3.73 -14.98
CA PHE B 346 57.43 -4.57 -16.17
C PHE B 346 58.13 -3.82 -17.30
N LEU B 347 59.24 -3.15 -16.97
CA LEU B 347 60.03 -2.42 -17.96
C LEU B 347 61.52 -2.62 -17.70
N LYS B 356 60.98 -5.80 -9.08
CA LYS B 356 62.16 -5.82 -9.94
C LYS B 356 62.04 -6.91 -10.99
N SER B 357 62.18 -8.16 -10.57
CA SER B 357 62.05 -9.32 -11.45
C SER B 357 62.84 -9.10 -12.74
N THR B 358 64.16 -9.05 -12.58
CA THR B 358 65.06 -8.73 -13.69
C THR B 358 64.68 -9.50 -14.95
N HIS B 359 64.61 -10.82 -14.86
CA HIS B 359 64.27 -11.66 -16.01
C HIS B 359 63.01 -12.49 -15.79
N SER B 360 62.87 -13.14 -14.64
CA SER B 360 61.78 -14.07 -14.38
C SER B 360 61.46 -14.90 -15.62
N GLU B 361 62.48 -15.62 -16.09
CA GLU B 361 62.34 -16.45 -17.27
C GLU B 361 61.05 -17.26 -17.22
N LEU B 362 60.33 -17.27 -18.34
CA LEU B 362 58.93 -17.69 -18.36
C LEU B 362 58.16 -16.86 -17.32
N LEU B 363 57.96 -15.59 -17.67
CA LEU B 363 57.37 -14.60 -16.77
C LEU B 363 55.84 -14.71 -16.83
N GLU B 364 55.34 -15.87 -16.40
CA GLU B 364 53.91 -16.07 -16.22
C GLU B 364 53.52 -15.92 -14.75
N ASP B 365 54.46 -15.50 -13.89
CA ASP B 365 54.13 -15.20 -12.50
C ASP B 365 53.04 -14.14 -12.39
N TYR B 366 52.91 -13.30 -13.42
CA TYR B 366 51.87 -12.28 -13.43
C TYR B 366 50.49 -12.90 -13.27
N TYR B 367 50.32 -14.15 -13.71
CA TYR B 367 49.02 -14.82 -13.58
C TYR B 367 48.65 -15.09 -12.13
N GLN B 368 49.62 -15.11 -11.22
CA GLN B 368 49.36 -15.40 -9.82
C GLN B 368 49.63 -14.22 -8.90
N SER B 369 50.19 -13.12 -9.42
CA SER B 369 50.44 -11.94 -8.62
C SER B 369 49.92 -10.65 -9.25
N GLY B 370 49.60 -10.65 -10.54
CA GLY B 370 49.04 -9.48 -11.19
C GLY B 370 47.57 -9.64 -11.46
N ARG B 371 47.15 -10.86 -11.82
CA ARG B 371 45.73 -11.14 -12.01
C ARG B 371 44.96 -10.85 -10.72
N MET B 372 45.50 -11.30 -9.59
CA MET B 372 44.87 -10.99 -8.31
C MET B 372 44.82 -9.48 -8.08
N LEU B 373 45.84 -8.74 -8.53
CA LEU B 373 45.84 -7.29 -8.33
C LEU B 373 44.72 -6.63 -9.12
N LEU B 374 44.52 -7.04 -10.38
CA LEU B 374 43.43 -6.44 -11.15
C LEU B 374 42.08 -6.87 -10.60
N ARG B 375 41.97 -8.10 -10.10
CA ARG B 375 40.72 -8.49 -9.43
C ARG B 375 40.46 -7.62 -8.21
N MET B 376 41.51 -7.33 -7.43
CA MET B 376 41.36 -6.47 -6.27
C MET B 376 40.95 -5.06 -6.68
N SER B 377 41.51 -4.54 -7.77
CA SER B 377 41.11 -3.23 -8.26
C SER B 377 39.66 -3.23 -8.71
N GLN B 378 39.23 -4.30 -9.38
CA GLN B 378 37.83 -4.40 -9.79
C GLN B 378 36.91 -4.41 -8.58
N ALA B 379 37.28 -5.15 -7.53
CA ALA B 379 36.46 -5.15 -6.31
C ALA B 379 36.47 -3.78 -5.64
N LEU B 380 37.62 -3.11 -5.65
CA LEU B 380 37.70 -1.77 -5.06
C LEU B 380 36.78 -0.80 -5.78
N GLY B 381 36.71 -0.91 -7.12
CA GLY B 381 35.75 -0.12 -7.86
C GLY B 381 34.32 -0.52 -7.55
N ARG B 382 34.08 -1.83 -7.41
CA ARG B 382 32.74 -2.31 -7.09
C ARG B 382 32.26 -1.77 -5.75
N ILE B 383 33.18 -1.49 -4.83
CA ILE B 383 32.78 -0.88 -3.55
C ILE B 383 32.02 0.42 -3.81
N VAL B 384 32.66 1.37 -4.49
CA VAL B 384 32.01 2.65 -4.74
C VAL B 384 30.81 2.47 -5.66
N LEU B 385 30.88 1.52 -6.60
CA LEU B 385 29.75 1.30 -7.48
C LEU B 385 28.51 0.88 -6.70
N ALA B 386 28.68 -0.02 -5.74
CA ALA B 386 27.58 -0.45 -4.87
C ALA B 386 27.26 0.56 -3.79
N GLY B 387 28.11 1.56 -3.61
CA GLY B 387 27.77 2.68 -2.75
C GLY B 387 26.55 3.44 -3.23
N ARG B 388 26.01 3.06 -4.38
CA ARG B 388 24.77 3.66 -4.86
C ARG B 388 23.63 3.41 -3.88
N GLU B 389 23.54 2.20 -3.34
CA GLU B 389 22.47 1.87 -2.41
C GLU B 389 22.51 2.74 -1.16
N MET B 390 23.65 3.32 -0.83
CA MET B 390 23.74 4.17 0.35
C MET B 390 22.85 5.40 0.21
N THR B 391 22.99 6.14 -0.89
CA THR B 391 22.20 7.35 -1.06
C THR B 391 20.73 7.04 -1.26
N ARG B 392 20.40 5.93 -1.92
CA ARG B 392 19.01 5.51 -2.03
C ARG B 392 18.41 5.11 -0.68
N LEU B 393 19.25 4.91 0.33
CA LEU B 393 18.78 4.66 1.68
C LEU B 393 18.68 5.92 2.52
N ALA B 394 19.34 6.99 2.11
CA ALA B 394 19.21 8.26 2.83
C ALA B 394 17.77 8.75 2.79
N GLY B 395 17.10 8.59 1.66
CA GLY B 395 15.70 8.99 1.58
C GLY B 395 14.81 8.21 2.53
N PHE B 396 14.99 6.89 2.57
CA PHE B 396 14.20 6.07 3.47
C PHE B 396 14.47 6.44 4.92
N THR B 397 15.74 6.66 5.27
CA THR B 397 16.06 7.04 6.64
C THR B 397 15.45 8.40 7.00
N ALA B 398 15.49 9.34 6.06
CA ALA B 398 14.88 10.64 6.31
C ALA B 398 13.37 10.52 6.48
N ARG B 399 12.73 9.64 5.71
CA ARG B 399 11.29 9.45 5.85
C ARG B 399 10.94 8.84 7.20
N ILE B 400 11.61 7.73 7.55
CA ILE B 400 11.26 7.04 8.78
C ILE B 400 11.67 7.87 10.01
N THR B 401 12.88 8.45 9.97
CA THR B 401 13.28 9.29 11.09
C THR B 401 12.33 10.45 11.29
N GLU B 402 11.64 10.87 10.23
CA GLU B 402 10.60 11.88 10.38
C GLU B 402 9.36 11.29 11.05
N LEU B 403 9.00 10.05 10.70
CA LEU B 403 7.92 9.38 11.41
C LEU B 403 8.22 9.23 12.89
N MET B 404 9.50 9.25 13.28
CA MET B 404 9.84 9.33 14.69
C MET B 404 9.85 10.79 15.15
N GLN B 405 8.79 11.49 14.76
CA GLN B 405 8.28 12.67 15.45
C GLN B 405 6.85 12.39 15.89
N VAL B 406 6.56 11.10 16.08
CA VAL B 406 5.34 10.63 16.73
C VAL B 406 5.58 10.71 18.23
N LEU B 407 6.70 11.33 18.61
CA LEU B 407 6.96 11.74 19.98
C LEU B 407 6.16 12.98 20.37
N LYS B 408 5.15 13.35 19.58
CA LYS B 408 4.20 14.38 19.97
C LYS B 408 3.30 13.90 21.11
N ASP B 409 3.55 12.68 21.61
CA ASP B 409 2.82 12.19 22.76
C ASP B 409 2.95 13.13 23.94
N LEU B 410 4.04 13.91 23.98
CA LEU B 410 4.22 14.94 25.00
C LEU B 410 3.71 16.29 24.49
N ASN B 411 4.25 16.76 23.36
CA ASN B 411 3.82 18.02 22.77
C ASN B 411 2.64 17.77 21.84
N GLY B 440 -4.37 24.68 30.63
CA GLY B 440 -5.28 24.14 31.62
C GLY B 440 -4.84 22.80 32.16
N GLU B 441 -5.61 22.26 33.10
CA GLU B 441 -5.31 20.98 33.71
C GLU B 441 -6.59 20.20 33.92
N ILE B 442 -6.45 18.88 34.03
CA ILE B 442 -7.57 17.96 34.23
C ILE B 442 -7.45 17.36 35.62
N ILE B 443 -8.53 17.44 36.39
CA ILE B 443 -8.59 16.89 37.74
C ILE B 443 -9.32 15.57 37.69
N ILE B 444 -8.77 14.56 38.36
CA ILE B 444 -9.34 13.20 38.33
C ILE B 444 -10.33 13.12 39.49
N ALA B 445 -11.56 13.54 39.22
CA ALA B 445 -12.64 13.43 40.19
C ALA B 445 -13.29 12.06 40.06
N ASP B 446 -14.44 11.87 40.72
CA ASP B 446 -15.06 10.54 40.76
C ASP B 446 -16.52 10.56 40.31
N ASN B 447 -17.24 11.66 40.59
CA ASN B 447 -18.68 11.69 40.37
C ASN B 447 -19.20 12.96 39.71
N ILE B 448 -18.42 14.03 39.64
CA ILE B 448 -18.90 15.32 39.14
C ILE B 448 -18.06 15.73 37.94
N ILE B 449 -18.73 16.04 36.84
CA ILE B 449 -18.10 16.62 35.66
C ILE B 449 -18.25 18.13 35.76
N LYS B 450 -17.14 18.84 35.84
CA LYS B 450 -17.12 20.28 36.01
C LYS B 450 -16.48 20.95 34.80
N PHE B 451 -16.74 22.24 34.66
CA PHE B 451 -16.15 23.04 33.59
C PHE B 451 -15.94 24.44 34.13
N ASP B 452 -14.73 24.71 34.62
CA ASP B 452 -14.39 25.98 35.25
C ASP B 452 -13.77 26.90 34.21
N HIS B 453 -14.59 27.78 33.64
CA HIS B 453 -14.16 28.78 32.66
C HIS B 453 -13.12 28.20 31.70
N VAL B 454 -13.52 27.15 30.99
CA VAL B 454 -12.69 26.50 29.98
C VAL B 454 -13.20 26.94 28.61
N PRO B 455 -12.43 27.72 27.85
CA PRO B 455 -12.83 28.06 26.48
C PRO B 455 -12.53 26.91 25.52
N LEU B 456 -13.57 26.19 25.11
CA LEU B 456 -13.37 25.12 24.14
C LEU B 456 -13.04 25.71 22.77
N ALA B 457 -12.22 25.00 22.02
CA ALA B 457 -11.72 25.52 20.75
C ALA B 457 -11.33 24.37 19.84
N THR B 458 -11.21 24.68 18.56
CA THR B 458 -10.74 23.73 17.57
C THR B 458 -9.23 23.56 17.71
N PRO B 459 -8.66 22.55 17.07
CA PRO B 459 -7.21 22.35 17.17
C PRO B 459 -6.42 23.60 16.79
N ASN B 460 -6.85 24.34 15.79
CA ASN B 460 -6.21 25.59 15.41
C ASN B 460 -6.61 26.68 16.42
N GLY B 461 -6.21 27.91 16.15
CA GLY B 461 -6.54 29.01 17.04
C GLY B 461 -7.86 29.67 16.70
N ASP B 462 -8.93 29.27 17.39
CA ASP B 462 -10.23 29.88 17.22
C ASP B 462 -11.13 29.39 18.34
N VAL B 463 -11.90 30.31 18.92
CA VAL B 463 -12.72 30.03 20.09
C VAL B 463 -14.18 30.04 19.67
N LEU B 464 -14.90 28.96 19.99
CA LEU B 464 -16.33 28.87 19.73
C LEU B 464 -17.13 29.43 20.91
N ILE B 465 -16.94 28.87 22.10
CA ILE B 465 -17.57 29.34 23.32
C ILE B 465 -16.46 29.50 24.35
N ARG B 466 -16.32 30.70 24.90
CA ARG B 466 -15.18 31.05 25.72
C ARG B 466 -15.49 31.13 27.21
N ASP B 467 -16.69 30.71 27.64
CA ASP B 467 -17.07 30.78 29.05
C ASP B 467 -17.24 29.39 29.64
N LEU B 468 -18.09 28.54 29.07
CA LEU B 468 -18.33 27.17 29.53
C LEU B 468 -18.13 27.04 31.05
N ASN B 469 -18.91 27.81 31.80
CA ASN B 469 -18.90 27.78 33.26
C ASN B 469 -20.13 27.01 33.72
N PHE B 470 -19.99 25.70 33.83
CA PHE B 470 -21.11 24.85 34.23
C PHE B 470 -20.56 23.54 34.78
N GLU B 471 -21.46 22.77 35.40
CA GLU B 471 -21.11 21.47 35.96
C GLU B 471 -22.37 20.62 36.00
N VAL B 472 -22.17 19.31 36.14
CA VAL B 472 -23.26 18.35 36.26
C VAL B 472 -22.94 17.36 37.37
N ARG B 473 -23.98 16.70 37.87
CA ARG B 473 -23.86 15.66 38.88
C ARG B 473 -24.56 14.41 38.38
N SER B 474 -24.34 13.30 39.09
CA SER B 474 -24.91 12.03 38.68
C SER B 474 -26.35 11.90 39.16
N GLY B 475 -27.16 12.93 38.90
CA GLY B 475 -28.57 12.89 39.29
C GLY B 475 -29.47 13.60 38.31
N ALA B 476 -28.91 14.12 37.21
CA ALA B 476 -29.68 14.94 36.27
C ALA B 476 -29.12 14.70 34.87
N ASN B 477 -29.84 13.89 34.08
CA ASN B 477 -29.47 13.73 32.68
C ASN B 477 -29.51 15.08 31.98
N VAL B 478 -28.48 15.36 31.18
CA VAL B 478 -28.33 16.63 30.49
C VAL B 478 -28.51 16.42 29.00
N LEU B 479 -29.28 17.30 28.38
CA LEU B 479 -29.48 17.32 26.94
C LEU B 479 -29.12 18.72 26.45
N ILE B 480 -28.30 18.80 25.41
CA ILE B 480 -27.83 20.09 24.90
C ILE B 480 -28.14 20.16 23.41
N CYS B 481 -28.58 21.33 22.95
CA CYS B 481 -28.98 21.54 21.57
C CYS B 481 -28.30 22.78 21.02
N GLY B 482 -28.71 23.16 19.82
CA GLY B 482 -28.18 24.32 19.14
C GLY B 482 -28.19 24.14 17.64
N PRO B 483 -27.69 25.12 16.91
CA PRO B 483 -27.56 24.97 15.46
C PRO B 483 -26.51 23.93 15.10
N ASN B 484 -26.28 23.73 13.81
CA ASN B 484 -25.27 22.78 13.34
C ASN B 484 -23.94 23.52 13.17
N GLY B 485 -22.97 23.18 14.01
CA GLY B 485 -21.63 23.74 13.88
C GLY B 485 -21.27 24.73 14.97
N CYS B 486 -21.75 24.50 16.20
CA CYS B 486 -21.41 25.34 17.35
C CYS B 486 -20.95 24.43 18.48
N GLY B 487 -19.68 24.04 18.44
CA GLY B 487 -19.03 23.33 19.54
C GLY B 487 -19.88 22.30 20.26
N LYS B 488 -20.77 21.61 19.55
CA LYS B 488 -21.60 20.60 20.19
C LYS B 488 -20.86 19.27 20.31
N SER B 489 -20.51 18.68 19.17
CA SER B 489 -19.71 17.46 19.17
C SER B 489 -18.24 17.72 19.48
N SER B 490 -17.80 18.98 19.40
CA SER B 490 -16.45 19.34 19.81
C SER B 490 -16.32 19.53 21.31
N LEU B 491 -17.44 19.63 22.04
CA LEU B 491 -17.36 19.67 23.49
C LEU B 491 -16.82 18.35 24.04
N PHE B 492 -17.29 17.22 23.51
CA PHE B 492 -16.79 15.93 23.96
C PHE B 492 -15.32 15.76 23.62
N ARG B 493 -14.91 16.19 22.43
CA ARG B 493 -13.51 16.06 22.04
C ARG B 493 -12.60 16.79 23.01
N VAL B 494 -13.07 17.86 23.62
CA VAL B 494 -12.27 18.56 24.63
C VAL B 494 -12.40 17.87 25.97
N LEU B 495 -13.62 17.45 26.35
CA LEU B 495 -13.79 16.71 27.59
C LEU B 495 -12.96 15.44 27.57
N GLY B 496 -13.08 14.65 26.51
CA GLY B 496 -12.13 13.58 26.28
C GLY B 496 -10.79 14.12 25.81
N GLU B 497 -9.77 13.28 25.94
CA GLU B 497 -8.42 13.73 25.60
C GLU B 497 -8.15 13.58 24.11
N LEU B 498 -9.04 14.14 23.28
CA LEU B 498 -8.86 14.18 21.83
C LEU B 498 -8.31 15.51 21.35
N TRP B 499 -8.73 16.61 21.96
CA TRP B 499 -8.29 17.95 21.63
C TRP B 499 -7.70 18.61 22.87
N PRO B 500 -6.87 19.64 22.69
CA PRO B 500 -6.30 20.31 23.87
C PRO B 500 -7.37 21.02 24.69
N LEU B 501 -6.96 21.63 25.81
CA LEU B 501 -7.88 22.34 26.68
C LEU B 501 -7.67 23.85 26.61
N PHE B 502 -6.47 24.32 26.88
CA PHE B 502 -6.16 25.75 26.83
C PHE B 502 -7.15 26.56 27.66
N GLY B 503 -7.44 26.07 28.85
CA GLY B 503 -8.44 26.68 29.73
C GLY B 503 -8.10 26.49 31.19
N GLY B 504 -9.15 26.39 32.01
CA GLY B 504 -8.97 26.23 33.44
C GLY B 504 -9.07 24.79 33.90
N ARG B 505 -9.98 24.51 34.82
CA ARG B 505 -10.11 23.19 35.43
C ARG B 505 -11.09 22.32 34.64
N LEU B 506 -11.08 21.03 34.95
CA LEU B 506 -11.98 20.07 34.33
C LEU B 506 -11.89 18.76 35.10
N THR B 507 -13.03 18.14 35.37
CA THR B 507 -13.10 16.91 36.14
C THR B 507 -13.97 15.89 35.43
N LYS B 508 -13.65 14.62 35.64
CA LYS B 508 -14.37 13.53 34.99
C LYS B 508 -14.20 12.27 35.81
N PRO B 509 -15.13 11.30 35.72
CA PRO B 509 -14.98 10.04 36.47
C PRO B 509 -14.00 9.06 35.82
N GLU B 510 -12.72 9.40 35.88
CA GLU B 510 -11.65 8.54 35.36
C GLU B 510 -11.83 8.31 33.87
N ARG B 511 -11.78 7.08 33.38
CA ARG B 511 -12.03 6.79 31.97
C ARG B 511 -12.71 5.43 31.88
N GLY B 512 -12.65 4.64 32.94
CA GLY B 512 -13.32 3.35 32.95
C GLY B 512 -14.81 3.48 33.21
N LYS B 513 -15.18 4.34 34.16
CA LYS B 513 -16.57 4.61 34.47
C LYS B 513 -17.07 5.82 33.67
N LEU B 514 -16.88 5.76 32.35
CA LEU B 514 -17.22 6.85 31.45
C LEU B 514 -17.24 6.30 30.04
N PHE B 515 -18.35 6.49 29.34
CA PHE B 515 -18.52 5.94 28.00
C PHE B 515 -18.84 7.06 27.02
N TYR B 516 -18.33 6.92 25.79
CA TYR B 516 -18.58 7.85 24.71
C TYR B 516 -19.18 7.11 23.53
N VAL B 517 -20.26 7.64 22.99
CA VAL B 517 -20.81 7.21 21.71
C VAL B 517 -20.63 8.36 20.73
N PRO B 518 -19.81 8.21 19.69
CA PRO B 518 -19.51 9.35 18.82
C PRO B 518 -20.64 9.65 17.84
N GLN B 519 -20.51 10.80 17.17
CA GLN B 519 -21.55 11.26 16.25
C GLN B 519 -21.70 10.31 15.07
N ARG B 520 -20.66 9.55 14.75
CA ARG B 520 -20.66 8.69 13.58
C ARG B 520 -20.41 7.25 13.98
N PRO B 521 -21.14 6.29 13.41
CA PRO B 521 -21.05 4.91 13.90
C PRO B 521 -19.71 4.27 13.58
N TYR B 522 -19.34 3.28 14.39
CA TYR B 522 -18.12 2.51 14.17
C TYR B 522 -18.36 1.07 14.58
N MET B 523 -18.24 0.16 13.63
CA MET B 523 -18.29 -1.27 13.90
C MET B 523 -16.92 -1.86 13.59
N THR B 524 -16.25 -2.37 14.62
CA THR B 524 -14.92 -2.91 14.43
C THR B 524 -14.97 -4.17 13.59
N LEU B 525 -13.83 -4.48 12.95
CA LEU B 525 -13.72 -5.68 12.15
C LEU B 525 -13.46 -6.87 13.05
N GLY B 526 -14.22 -7.94 12.84
CA GLY B 526 -14.12 -9.12 13.68
C GLY B 526 -15.45 -9.84 13.73
N THR B 527 -15.71 -10.47 14.86
CA THR B 527 -16.92 -11.25 15.05
C THR B 527 -18.04 -10.39 15.61
N LEU B 528 -19.26 -10.91 15.54
CA LEU B 528 -20.42 -10.18 16.05
C LEU B 528 -20.29 -9.93 17.55
N ARG B 529 -19.82 -10.93 18.29
CA ARG B 529 -19.65 -10.76 19.74
C ARG B 529 -18.77 -9.54 20.04
N ASP B 530 -17.68 -9.39 19.29
CA ASP B 530 -16.77 -8.27 19.53
C ASP B 530 -17.43 -6.93 19.23
N GLN B 531 -18.51 -6.91 18.46
CA GLN B 531 -19.23 -5.66 18.23
C GLN B 531 -19.89 -5.18 19.51
N VAL B 532 -20.50 -6.09 20.27
CA VAL B 532 -21.10 -5.70 21.54
C VAL B 532 -20.03 -5.26 22.52
N ILE B 533 -18.86 -5.92 22.48
CA ILE B 533 -17.72 -5.53 23.29
C ILE B 533 -16.62 -5.00 22.38
N TYR B 534 -16.61 -3.71 22.11
CA TYR B 534 -15.55 -3.23 21.22
C TYR B 534 -14.24 -3.11 22.00
N PRO B 535 -14.19 -2.30 23.07
CA PRO B 535 -12.89 -1.99 23.66
C PRO B 535 -12.24 -3.17 24.38
N ASP B 536 -12.99 -3.85 25.24
CA ASP B 536 -12.39 -4.87 26.09
C ASP B 536 -11.84 -6.03 25.28
N GLY B 537 -12.57 -6.49 24.28
CA GLY B 537 -12.16 -7.64 23.50
C GLY B 537 -12.91 -8.89 23.87
N ARG B 538 -12.25 -10.05 23.80
CA ARG B 538 -12.87 -11.33 24.11
C ARG B 538 -12.27 -12.00 25.33
N GLU B 539 -10.94 -12.09 25.41
CA GLU B 539 -10.32 -12.69 26.58
C GLU B 539 -10.63 -11.87 27.83
N ASP B 540 -10.55 -10.54 27.72
CA ASP B 540 -10.88 -9.69 28.85
C ASP B 540 -12.35 -9.83 29.22
N GLN B 541 -13.21 -10.12 28.24
CA GLN B 541 -14.65 -10.17 28.48
C GLN B 541 -14.98 -11.06 29.67
N LYS B 542 -14.32 -12.21 29.78
CA LYS B 542 -14.60 -13.15 30.85
C LYS B 542 -13.39 -13.48 31.70
N ARG B 543 -12.21 -13.64 31.10
CA ARG B 543 -11.06 -14.10 31.87
C ARG B 543 -10.52 -13.00 32.77
N LYS B 544 -10.08 -11.89 32.18
CA LYS B 544 -9.51 -10.81 32.98
C LYS B 544 -10.54 -10.19 33.92
N GLY B 545 -11.78 -10.02 33.45
CA GLY B 545 -12.82 -9.39 34.23
C GLY B 545 -13.98 -10.31 34.55
N ILE B 546 -15.12 -9.73 34.90
CA ILE B 546 -16.30 -10.51 35.22
C ILE B 546 -16.63 -11.44 34.07
N SER B 547 -17.07 -12.65 34.40
CA SER B 547 -17.45 -13.64 33.39
C SER B 547 -18.89 -13.40 32.97
N ASP B 548 -19.07 -12.90 31.74
CA ASP B 548 -20.39 -12.67 31.17
C ASP B 548 -20.73 -13.82 30.23
N LEU B 549 -21.87 -14.46 30.46
CA LEU B 549 -22.29 -15.60 29.66
C LEU B 549 -22.71 -15.11 28.28
N VAL B 550 -21.78 -15.16 27.32
CA VAL B 550 -22.10 -14.70 25.97
C VAL B 550 -23.28 -15.47 25.40
N LEU B 551 -23.44 -16.74 25.80
CA LEU B 551 -24.55 -17.53 25.28
C LEU B 551 -25.89 -16.93 25.66
N LYS B 552 -26.02 -16.46 26.90
CA LYS B 552 -27.30 -15.95 27.40
C LYS B 552 -27.21 -14.55 27.99
N GLU B 553 -26.11 -14.22 28.67
CA GLU B 553 -26.03 -12.94 29.37
C GLU B 553 -26.11 -11.75 28.42
N TYR B 554 -25.77 -11.93 27.15
CA TYR B 554 -25.72 -10.80 26.23
C TYR B 554 -27.02 -10.58 25.48
N LEU B 555 -27.82 -11.63 25.27
CA LEU B 555 -29.11 -11.44 24.62
C LEU B 555 -29.96 -10.41 25.36
N ASP B 556 -29.90 -10.42 26.69
CA ASP B 556 -30.55 -9.36 27.45
C ASP B 556 -29.86 -8.02 27.23
N ASN B 557 -28.54 -8.02 27.14
CA ASN B 557 -27.82 -6.80 26.77
C ASN B 557 -28.09 -6.40 25.33
N VAL B 558 -28.64 -7.30 24.51
CA VAL B 558 -28.94 -7.01 23.12
C VAL B 558 -30.45 -7.09 22.95
N GLN B 559 -31.19 -6.69 23.99
CA GLN B 559 -32.64 -6.69 24.00
C GLN B 559 -33.24 -5.45 23.33
N LEU B 560 -32.47 -4.76 22.51
CA LEU B 560 -32.90 -3.52 21.86
C LEU B 560 -33.70 -3.78 20.58
N GLY B 561 -34.30 -4.95 20.45
CA GLY B 561 -34.94 -5.33 19.21
C GLY B 561 -34.00 -5.92 18.19
N HIS B 562 -32.76 -6.20 18.58
CA HIS B 562 -31.74 -6.71 17.67
C HIS B 562 -32.03 -8.18 17.37
N ILE B 563 -32.72 -8.42 16.25
CA ILE B 563 -32.96 -9.78 15.79
C ILE B 563 -31.74 -10.40 15.12
N LEU B 564 -30.69 -9.61 14.88
CA LEU B 564 -29.53 -10.09 14.14
C LEU B 564 -28.59 -10.89 15.04
N GLU B 565 -29.14 -11.86 15.76
CA GLU B 565 -28.36 -12.85 16.48
C GLU B 565 -28.39 -14.21 15.81
N ARG B 566 -29.55 -14.63 15.30
CA ARG B 566 -29.62 -15.79 14.42
C ARG B 566 -29.08 -15.48 13.04
N GLU B 567 -28.95 -14.20 12.69
CA GLU B 567 -28.45 -13.78 11.39
C GLU B 567 -26.93 -13.80 11.41
N GLY B 568 -26.38 -15.01 11.35
CA GLY B 568 -24.95 -15.25 11.33
C GLY B 568 -24.42 -16.01 12.52
N GLY B 569 -25.16 -16.06 13.61
CA GLY B 569 -24.70 -16.72 14.81
C GLY B 569 -23.82 -15.81 15.66
N TRP B 570 -23.50 -16.30 16.86
CA TRP B 570 -22.70 -15.50 17.79
C TRP B 570 -21.31 -15.21 17.25
N ASP B 571 -20.81 -16.01 16.31
CA ASP B 571 -19.48 -15.83 15.73
C ASP B 571 -19.64 -15.82 14.21
N SER B 572 -19.91 -14.64 13.64
CA SER B 572 -20.04 -14.45 12.21
C SER B 572 -19.10 -13.32 11.79
N VAL B 573 -18.07 -13.66 11.03
CA VAL B 573 -17.11 -12.66 10.57
C VAL B 573 -16.90 -12.69 9.06
N GLN B 574 -17.17 -13.81 8.37
CA GLN B 574 -16.93 -13.86 6.93
C GLN B 574 -17.84 -12.89 6.19
N ASP B 575 -19.05 -12.66 6.69
CA ASP B 575 -20.00 -11.75 6.04
C ASP B 575 -20.37 -10.62 6.99
N TRP B 576 -19.39 -10.04 7.66
CA TRP B 576 -19.60 -8.94 8.60
C TRP B 576 -18.79 -7.73 8.21
N MET B 577 -19.37 -6.56 8.45
CA MET B 577 -18.71 -5.27 8.23
C MET B 577 -19.66 -4.20 8.76
N ASP B 578 -19.22 -2.94 8.68
CA ASP B 578 -20.07 -1.81 9.04
C ASP B 578 -20.85 -1.28 7.84
N VAL B 579 -20.73 -1.92 6.68
CA VAL B 579 -21.51 -1.57 5.50
C VAL B 579 -22.72 -2.48 5.33
N LEU B 580 -23.07 -3.24 6.36
CA LEU B 580 -24.18 -4.18 6.29
C LEU B 580 -25.28 -3.91 7.30
N SER B 581 -24.96 -3.41 8.49
CA SER B 581 -25.98 -3.22 9.51
C SER B 581 -27.04 -2.22 9.06
N GLY B 582 -26.61 -1.05 8.59
CA GLY B 582 -27.55 -0.01 8.19
C GLY B 582 -27.62 1.10 9.21
N GLY B 583 -28.83 1.60 9.46
CA GLY B 583 -29.02 2.64 10.45
C GLY B 583 -29.11 2.13 11.88
N GLU B 584 -29.10 0.82 12.07
CA GLU B 584 -29.14 0.22 13.40
C GLU B 584 -27.75 -0.03 13.99
N LYS B 585 -26.69 0.37 13.30
CA LYS B 585 -25.34 0.23 13.83
C LYS B 585 -24.98 1.36 14.78
N GLN B 586 -25.85 2.33 14.96
CA GLN B 586 -25.68 3.33 16.02
C GLN B 586 -26.50 3.02 17.25
N ARG B 587 -27.53 2.18 17.13
CA ARG B 587 -28.18 1.59 18.29
C ARG B 587 -27.54 0.27 18.69
N MET B 588 -26.64 -0.27 17.86
CA MET B 588 -25.74 -1.32 18.33
C MET B 588 -24.73 -0.74 19.32
N ALA B 589 -24.35 0.52 19.13
CA ALA B 589 -23.54 1.21 20.13
C ALA B 589 -24.33 1.47 21.40
N MET B 590 -25.65 1.62 21.28
CA MET B 590 -26.49 1.75 22.47
C MET B 590 -26.44 0.47 23.30
N ALA B 591 -26.40 -0.69 22.64
CA ALA B 591 -26.21 -1.95 23.36
C ALA B 591 -24.73 -2.16 23.63
N ARG B 592 -24.08 -1.12 24.17
CA ARG B 592 -22.69 -1.20 24.60
C ARG B 592 -22.58 -0.57 25.98
N LEU B 593 -23.45 0.40 26.25
CA LEU B 593 -23.55 0.97 27.59
C LEU B 593 -23.98 -0.09 28.59
N PHE B 594 -24.99 -0.87 28.24
CA PHE B 594 -25.55 -1.84 29.17
C PHE B 594 -24.57 -2.96 29.50
N TYR B 595 -23.51 -3.11 28.71
CA TYR B 595 -22.43 -4.02 29.08
C TYR B 595 -21.33 -3.29 29.84
N HIS B 596 -20.93 -2.10 29.36
CA HIS B 596 -19.91 -1.34 30.07
C HIS B 596 -20.44 -0.71 31.35
N LYS B 597 -21.76 -0.52 31.44
CA LYS B 597 -22.43 0.04 32.61
C LYS B 597 -21.63 1.21 33.18
N PRO B 598 -21.36 2.23 32.37
CA PRO B 598 -20.55 3.35 32.85
C PRO B 598 -21.29 4.18 33.89
N GLN B 599 -20.52 4.84 34.74
CA GLN B 599 -21.11 5.82 35.65
C GLN B 599 -21.76 6.95 34.86
N PHE B 600 -21.08 7.44 33.83
CA PHE B 600 -21.58 8.49 32.95
C PHE B 600 -21.54 8.02 31.50
N ALA B 601 -22.60 8.33 30.76
CA ALA B 601 -22.67 8.06 29.33
C ALA B 601 -22.79 9.39 28.59
N ILE B 602 -21.96 9.57 27.56
CA ILE B 602 -21.95 10.78 26.75
C ILE B 602 -22.28 10.36 25.33
N LEU B 603 -23.42 10.82 24.82
CA LEU B 603 -23.94 10.38 23.53
C LEU B 603 -23.98 11.55 22.55
N ASP B 604 -23.40 11.33 21.37
CA ASP B 604 -23.36 12.31 20.30
C ASP B 604 -24.31 11.83 19.20
N GLN B 605 -25.51 12.41 19.16
CA GLN B 605 -26.47 12.16 18.09
C GLN B 605 -26.80 10.67 17.96
N CYS B 606 -27.41 10.13 19.02
CA CYS B 606 -28.00 8.81 18.94
C CYS B 606 -29.28 8.79 18.11
N THR B 607 -29.75 9.95 17.67
CA THR B 607 -30.94 10.05 16.84
C THR B 607 -30.74 9.34 15.52
N SER B 608 -31.77 9.31 14.68
CA SER B 608 -31.81 8.60 13.41
C SER B 608 -31.92 7.10 13.62
N ALA B 609 -31.97 6.61 14.85
CA ALA B 609 -32.20 5.19 15.09
C ALA B 609 -33.66 4.84 14.84
N VAL B 610 -34.57 5.47 15.60
CA VAL B 610 -35.99 5.25 15.44
C VAL B 610 -36.70 6.45 16.03
N SER B 611 -37.94 6.70 15.58
CA SER B 611 -38.70 7.81 16.12
C SER B 611 -39.23 7.49 17.52
N VAL B 612 -40.11 6.49 17.62
CA VAL B 612 -40.76 6.21 18.90
C VAL B 612 -40.75 4.73 19.24
N ASP B 613 -40.50 3.85 18.26
CA ASP B 613 -40.69 2.43 18.49
C ASP B 613 -39.72 1.91 19.55
N VAL B 614 -38.44 2.28 19.45
CA VAL B 614 -37.43 1.81 20.38
C VAL B 614 -36.56 2.92 20.93
N GLU B 615 -36.76 4.17 20.51
CA GLU B 615 -35.95 5.26 21.07
C GLU B 615 -36.24 5.46 22.55
N GLY B 616 -37.51 5.35 22.95
CA GLY B 616 -37.85 5.52 24.36
C GLY B 616 -37.40 4.36 25.22
N TYR B 617 -37.37 3.15 24.66
CA TYR B 617 -36.91 2.00 25.42
C TYR B 617 -35.48 2.18 25.91
N ILE B 618 -34.60 2.66 25.02
CA ILE B 618 -33.19 2.79 25.38
C ILE B 618 -33.02 3.76 26.54
N TYR B 619 -33.68 4.91 26.47
CA TYR B 619 -33.53 5.91 27.52
C TYR B 619 -34.18 5.48 28.82
N SER B 620 -35.33 4.80 28.73
CA SER B 620 -35.96 4.29 29.94
C SER B 620 -35.06 3.29 30.65
N HIS B 621 -34.42 2.40 29.89
CA HIS B 621 -33.48 1.45 30.48
C HIS B 621 -32.25 2.17 31.00
N CYS B 622 -31.88 3.30 30.39
CA CYS B 622 -30.64 3.97 30.76
C CYS B 622 -30.70 4.45 32.21
N ARG B 623 -31.81 5.04 32.63
CA ARG B 623 -31.96 5.54 34.00
C ARG B 623 -32.70 4.56 34.90
N LYS B 624 -32.99 3.36 34.40
CA LYS B 624 -33.31 2.22 35.25
C LYS B 624 -32.02 1.65 35.83
N VAL B 625 -30.88 2.16 35.36
CA VAL B 625 -29.57 1.87 35.89
C VAL B 625 -28.89 3.21 36.13
N GLY B 626 -27.88 3.23 37.00
CA GLY B 626 -27.23 4.48 37.36
C GLY B 626 -26.35 5.05 36.26
N ILE B 627 -26.91 5.21 35.06
CA ILE B 627 -26.15 5.74 33.91
C ILE B 627 -26.66 7.17 33.69
N THR B 628 -25.97 8.13 34.28
CA THR B 628 -26.29 9.53 34.04
C THR B 628 -25.93 9.90 32.60
N LEU B 629 -26.89 10.51 31.90
CA LEU B 629 -26.78 10.76 30.47
C LEU B 629 -26.33 12.19 30.20
N PHE B 630 -25.58 12.34 29.10
CA PHE B 630 -25.06 13.63 28.64
C PHE B 630 -25.16 13.57 27.11
N THR B 631 -26.26 14.06 26.55
CA THR B 631 -26.60 13.78 25.17
C THR B 631 -26.74 15.07 24.36
N VAL B 632 -26.43 14.94 23.06
CA VAL B 632 -26.79 15.94 22.07
C VAL B 632 -27.83 15.30 21.15
N SER B 633 -28.85 16.07 20.78
CA SER B 633 -29.85 15.54 19.86
C SER B 633 -30.67 16.69 19.29
N HIS B 634 -31.00 16.59 18.01
CA HIS B 634 -31.88 17.55 17.34
C HIS B 634 -33.27 16.91 17.27
N ARG B 635 -33.99 16.97 18.38
CA ARG B 635 -35.31 16.35 18.45
C ARG B 635 -36.09 17.00 19.60
N LYS B 636 -37.41 16.82 19.55
CA LYS B 636 -38.29 17.23 20.63
C LYS B 636 -38.97 16.04 21.29
N SER B 637 -38.71 14.81 20.83
CA SER B 637 -39.37 13.62 21.33
C SER B 637 -38.53 12.87 22.35
N LEU B 638 -37.42 13.45 22.81
CA LEU B 638 -36.57 12.82 23.81
C LEU B 638 -36.28 13.74 24.99
N TRP B 639 -37.00 14.86 25.12
CA TRP B 639 -36.81 15.76 26.24
C TRP B 639 -37.52 15.31 27.50
N LYS B 640 -38.49 14.39 27.39
CA LYS B 640 -39.24 13.96 28.56
C LYS B 640 -38.32 13.31 29.59
N HIS B 641 -37.39 12.48 29.14
CA HIS B 641 -36.42 11.85 30.04
C HIS B 641 -35.11 12.61 30.02
N HIS B 642 -35.19 13.87 30.44
CA HIS B 642 -34.01 14.71 30.61
C HIS B 642 -34.38 15.85 31.56
N GLU B 643 -33.35 16.44 32.16
CA GLU B 643 -33.56 17.43 33.22
C GLU B 643 -33.07 18.82 32.85
N TYR B 644 -31.82 18.98 32.45
CA TYR B 644 -31.22 20.30 32.29
C TYR B 644 -31.21 20.73 30.82
N TYR B 645 -30.72 21.94 30.57
CA TYR B 645 -30.86 22.61 29.28
C TYR B 645 -29.52 22.81 28.56
N LEU B 646 -28.60 23.55 29.16
CA LEU B 646 -27.30 23.89 28.58
C LEU B 646 -27.42 24.07 27.06
N HIS B 647 -28.27 25.00 26.66
CA HIS B 647 -28.45 25.33 25.25
C HIS B 647 -27.40 26.33 24.81
N MET B 648 -26.84 26.09 23.63
CA MET B 648 -25.81 26.97 23.07
C MET B 648 -26.10 27.23 21.60
N ASP B 649 -25.61 28.36 21.11
CA ASP B 649 -25.85 28.80 19.75
C ASP B 649 -24.51 29.18 19.11
N GLY B 650 -24.57 29.67 17.87
CA GLY B 650 -23.39 30.10 17.15
C GLY B 650 -22.93 31.50 17.46
N ARG B 651 -23.51 32.13 18.48
CA ARG B 651 -23.12 33.47 18.89
C ARG B 651 -22.05 33.47 19.98
N GLY B 652 -21.55 32.32 20.37
CA GLY B 652 -20.51 32.23 21.38
C GLY B 652 -21.00 32.24 22.81
N ASN B 653 -22.31 32.14 23.05
CA ASN B 653 -22.87 32.12 24.38
C ASN B 653 -23.80 30.93 24.53
N TYR B 654 -23.99 30.49 25.77
CA TYR B 654 -24.80 29.33 26.08
C TYR B 654 -25.74 29.66 27.23
N GLU B 655 -26.87 28.94 27.27
CA GLU B 655 -27.89 29.11 28.31
C GLU B 655 -28.02 27.79 29.06
N PHE B 656 -27.66 27.80 30.34
CA PHE B 656 -27.75 26.62 31.19
C PHE B 656 -28.96 26.77 32.10
N LYS B 657 -29.95 25.90 31.92
CA LYS B 657 -31.21 25.99 32.65
C LYS B 657 -31.64 24.58 33.02
N GLN B 658 -32.90 24.45 33.45
CA GLN B 658 -33.47 23.16 33.80
C GLN B 658 -34.44 22.70 32.72
#